data_5CZB
#
_entry.id   5CZB
#
_cell.length_a   105.356
_cell.length_b   108.234
_cell.length_c   134.758
_cell.angle_alpha   90.00
_cell.angle_beta   90.00
_cell.angle_gamma   90.00
#
_symmetry.space_group_name_H-M   'P 21 21 21'
#
loop_
_entity.id
_entity.type
_entity.pdbx_description
1 polymer NS5B
2 non-polymer '1-[4-(7-amino-5-methylpyrazolo[1,5-a]pyrimidin-2-yl)phenyl]-3-{[(R)-(2,4-dimethylphenyl)(methoxy)phosphoryl]amino}-1H-pyrazole-4-carboxylic acid'
3 non-polymer GLYCEROL
4 non-polymer '2-(N-MORPHOLINO)-ETHANESULFONIC ACID'
5 non-polymer DI(HYDROXYETHYL)ETHER
6 non-polymer 'SULFATE ION'
7 water water
#
_entity_poly.entity_id   1
_entity_poly.type   'polypeptide(L)'
_entity_poly.pdbx_seq_one_letter_code
;SSMSYTWTGALITPCAAEESKLPINPLSNSLLRHHNMVYATTSRSASLRQKKVTFDRLQVLDDHYRDVLKEMKAKASTVK
AKLLSIEEACKLTPPHSAKSKFGYGAKDVRNLSSRAVNHIRSVWEDLLEDTETPIDTTIMAKSEVFCVQPEKGGRKPARL
IVFPDLGVRVCEKMALYDVVSTLPQAVMGSSYGFQYSPKQRVEFLVNTWKSKKCPMGFSYDTRCFDSTVTESDIRVEESI
YQCCDLAPEARQAIRSLTERLYIGGPLTNSKGQNCGYRRCRASGVLTTSCGNTLTCYLKATAACRAAKLQDCTMLVNGDD
LVVICESAGTQEDAAALRAFTEAMTRYSAPPGDPPQPEYDLELITSCSSNVSVAHDASGKRVYYLTRDPTTPLARAAWET
ARHTPINSWLGNIIMYAPTLWARMILMTHFFSILLAQEQLEKALDCQIYGACYSIEPLDLPQIIERLHGLSAFTLHSYSP
GEINRVASCLRKLGVPPLRTWRHRARSVRAKLLSQGGRAATCGRYLFNWAVRTKLKLTPIPAASQLDLSGWFVAGYSGGD
IYH
;
_entity_poly.pdbx_strand_id   A,B
#
loop_
_chem_comp.id
_chem_comp.type
_chem_comp.name
_chem_comp.formula
55W non-polymer '1-[4-(7-amino-5-methylpyrazolo[1,5-a]pyrimidin-2-yl)phenyl]-3-{[(R)-(2,4-dimethylphenyl)(methoxy)phosphoryl]amino}-1H-pyrazole-4-carboxylic acid' 'C26 H26 N7 O4 P'
GOL non-polymer GLYCEROL 'C3 H8 O3'
MES non-polymer '2-(N-MORPHOLINO)-ETHANESULFONIC ACID' 'C6 H13 N O4 S'
PEG non-polymer DI(HYDROXYETHYL)ETHER 'C4 H10 O3'
SO4 non-polymer 'SULFATE ION' 'O4 S -2'
#
# COMPACT_ATOMS: atom_id res chain seq x y z
N SER A 1 5.35 -21.54 3.01
CA SER A 1 5.46 -20.09 3.45
C SER A 1 5.51 -19.95 4.98
N SER A 2 5.85 -18.75 5.43
CA SER A 2 5.78 -18.36 6.84
C SER A 2 5.43 -16.88 6.90
N MET A 3 4.17 -16.59 7.12
CA MET A 3 3.69 -15.21 7.04
C MET A 3 3.89 -14.56 8.36
N SER A 4 4.35 -13.32 8.33
CA SER A 4 4.48 -12.56 9.58
C SER A 4 3.13 -12.41 10.31
N TYR A 5 2.06 -12.26 9.52
CA TYR A 5 0.70 -12.04 10.04
C TYR A 5 -0.32 -12.67 9.10
N THR A 6 -1.40 -13.22 9.66
CA THR A 6 -2.59 -13.63 8.89
C THR A 6 -3.73 -12.80 9.43
N TRP A 7 -4.66 -12.41 8.55
CA TRP A 7 -5.75 -11.49 8.94
C TRP A 7 -7.10 -12.13 8.66
N THR A 8 -8.03 -11.96 9.60
CA THR A 8 -9.41 -12.48 9.45
C THR A 8 -10.35 -11.50 8.73
N GLY A 9 -10.07 -10.21 8.85
CA GLY A 9 -10.99 -9.15 8.36
C GLY A 9 -11.53 -8.26 9.47
N ALA A 10 -11.51 -8.73 10.73
CA ALA A 10 -11.87 -7.89 11.86
C ALA A 10 -10.92 -6.73 11.97
N LEU A 11 -11.47 -5.58 12.33
CA LEU A 11 -10.72 -4.35 12.34
C LEU A 11 -9.89 -4.22 13.59
N ILE A 12 -8.76 -3.52 13.43
CA ILE A 12 -7.98 -3.04 14.56
C ILE A 12 -8.75 -1.80 15.03
N THR A 13 -9.31 -1.90 16.23
CA THR A 13 -10.25 -0.91 16.75
C THR A 13 -9.66 -0.07 17.87
N PRO A 14 -10.13 1.18 18.00
CA PRO A 14 -9.67 1.98 19.11
C PRO A 14 -10.51 1.64 20.34
N CYS A 15 -9.97 1.87 21.53
CA CYS A 15 -10.73 1.66 22.77
C CYS A 15 -11.41 2.94 23.29
N ALA A 16 -11.14 4.09 22.65
CA ALA A 16 -11.74 5.37 23.03
C ALA A 16 -11.54 6.36 21.89
N ALA A 17 -12.20 7.52 21.97
CA ALA A 17 -12.07 8.53 20.93
C ALA A 17 -10.57 8.84 20.75
N GLU A 18 -10.18 9.08 19.50
CA GLU A 18 -8.77 9.30 19.17
C GLU A 18 -8.65 10.68 18.57
N GLU A 19 -7.67 11.44 19.02
CA GLU A 19 -7.37 12.78 18.49
C GLU A 19 -6.22 12.68 17.50
N SER A 20 -6.30 13.40 16.39
CA SER A 20 -5.28 13.40 15.35
C SER A 20 -4.67 14.78 15.05
N LYS A 21 -5.18 15.85 15.69
CA LYS A 21 -4.72 17.22 15.48
C LYS A 21 -4.62 17.97 16.80
N LEU A 22 -3.81 19.02 16.82
CA LEU A 22 -3.76 19.91 17.98
C LEU A 22 -5.12 20.58 18.17
N PRO A 23 -5.49 20.92 19.41
CA PRO A 23 -6.74 21.64 19.60
C PRO A 23 -6.76 22.97 18.85
N ILE A 24 -7.96 23.41 18.50
CA ILE A 24 -8.17 24.76 17.95
C ILE A 24 -7.82 25.73 19.07
N ASN A 25 -7.43 26.95 18.71
CA ASN A 25 -6.98 27.97 19.69
C ASN A 25 -5.60 27.59 20.32
N PRO A 26 -5.02 28.50 21.14
CA PRO A 26 -3.59 28.59 21.51
C PRO A 26 -3.01 27.42 22.36
N LEU A 27 -2.08 27.74 23.26
CA LEU A 27 -1.40 26.81 24.19
C LEU A 27 0.01 26.53 23.64
N SER A 28 0.10 25.62 22.67
CA SER A 28 1.36 25.32 22.02
C SER A 28 1.69 26.31 20.89
N ASN A 29 0.82 27.28 20.63
CA ASN A 29 1.08 28.32 19.62
C ASN A 29 2.27 29.24 19.97
N SER A 30 2.60 29.40 21.24
CA SER A 30 3.82 30.14 21.65
C SER A 30 5.08 29.29 21.45
N LEU A 31 4.91 27.97 21.37
CA LEU A 31 6.01 27.07 21.06
C LEU A 31 6.25 27.04 19.57
N LEU A 32 5.20 26.72 18.82
CA LEU A 32 5.22 26.71 17.36
C LEU A 32 3.89 27.17 16.77
N ARG A 33 3.98 28.00 15.72
CA ARG A 33 2.81 28.61 15.07
C ARG A 33 2.21 27.75 13.97
N HIS A 34 2.98 26.85 13.33
CA HIS A 34 2.47 26.06 12.20
C HIS A 34 1.86 24.78 12.68
N HIS A 35 0.78 24.93 13.44
CA HIS A 35 0.03 23.84 14.07
C HIS A 35 -0.51 22.78 13.11
N ASN A 36 -0.86 23.16 11.89
CA ASN A 36 -1.27 22.19 10.88
C ASN A 36 -0.20 21.18 10.46
N MET A 37 1.06 21.48 10.77
CA MET A 37 2.16 20.57 10.51
C MET A 37 2.17 19.36 11.44
N VAL A 38 1.56 19.50 12.61
CA VAL A 38 1.60 18.47 13.65
C VAL A 38 0.40 17.51 13.54
N TYR A 39 0.65 16.22 13.58
CA TYR A 39 -0.42 15.22 13.60
C TYR A 39 -0.09 14.09 14.53
N ALA A 40 -1.14 13.38 14.98
CA ALA A 40 -0.99 12.14 15.74
C ALA A 40 -1.61 10.98 14.96
N THR A 41 -0.92 9.85 14.94
CA THR A 41 -1.41 8.66 14.27
C THR A 41 -2.61 8.09 15.05
N THR A 42 -3.52 7.44 14.33
CA THR A 42 -4.69 6.78 14.95
C THR A 42 -4.95 5.44 14.28
N SER A 43 -5.93 4.71 14.83
CA SER A 43 -6.43 3.47 14.21
C SER A 43 -6.93 3.61 12.76
N ARG A 44 -7.28 4.81 12.33
CA ARG A 44 -7.76 5.02 10.95
C ARG A 44 -6.71 4.70 9.86
N SER A 45 -5.44 4.67 10.21
CA SER A 45 -4.37 4.22 9.30
C SER A 45 -3.83 2.80 9.59
N ALA A 46 -4.47 2.05 10.50
CA ALA A 46 -4.01 0.71 10.86
C ALA A 46 -3.80 -0.20 9.62
N SER A 47 -4.74 -0.17 8.67
CA SER A 47 -4.64 -1.02 7.48
C SER A 47 -3.45 -0.72 6.56
N LEU A 48 -3.03 0.54 6.50
CA LEU A 48 -1.81 0.87 5.76
C LEU A 48 -0.61 0.23 6.41
N ARG A 49 -0.59 0.27 7.73
CA ARG A 49 0.48 -0.39 8.47
C ARG A 49 0.44 -1.90 8.32
N GLN A 50 -0.76 -2.48 8.40
CA GLN A 50 -0.94 -3.94 8.23
C GLN A 50 -0.33 -4.39 6.89
N LYS A 51 -0.53 -3.61 5.84
CA LYS A 51 0.05 -3.93 4.54
C LYS A 51 1.58 -3.96 4.56
N LYS A 52 2.20 -2.97 5.19
CA LYS A 52 3.65 -2.94 5.28
C LYS A 52 4.27 -4.09 6.12
N VAL A 53 3.63 -4.47 7.24
CA VAL A 53 4.21 -5.45 8.16
C VAL A 53 3.90 -6.91 7.83
N THR A 54 3.11 -7.15 6.78
CA THR A 54 2.63 -8.49 6.40
C THR A 54 3.36 -9.04 5.18
N PHE A 55 4.19 -10.08 5.37
CA PHE A 55 4.88 -10.68 4.25
C PHE A 55 5.47 -12.02 4.63
N ASP A 56 5.86 -12.76 3.60
CA ASP A 56 6.49 -14.11 3.75
C ASP A 56 7.97 -13.90 4.07
N ARG A 57 8.49 -14.66 5.04
CA ARG A 57 9.91 -14.61 5.37
C ARG A 57 10.59 -15.89 4.87
N LEU A 58 11.51 -15.76 3.93
CA LEU A 58 12.39 -16.88 3.53
C LEU A 58 13.70 -16.60 4.21
N GLN A 59 14.24 -17.58 4.90
CA GLN A 59 15.43 -17.43 5.70
C GLN A 59 16.40 -18.54 5.36
N VAL A 60 17.65 -18.16 5.10
CA VAL A 60 18.71 -19.12 4.70
C VAL A 60 19.88 -18.82 5.62
N LEU A 61 20.17 -19.79 6.49
CA LEU A 61 21.25 -19.67 7.46
C LEU A 61 22.48 -20.37 6.87
N ASP A 62 23.66 -19.89 7.25
CA ASP A 62 24.93 -20.45 6.71
C ASP A 62 25.94 -20.70 7.87
N ASP A 63 27.17 -21.10 7.56
CA ASP A 63 28.18 -21.36 8.59
C ASP A 63 28.53 -20.11 9.41
N HIS A 64 28.58 -18.94 8.78
CA HIS A 64 28.91 -17.73 9.52
C HIS A 64 27.93 -17.46 10.63
N TYR A 65 26.66 -17.64 10.31
CA TYR A 65 25.59 -17.50 11.28
C TYR A 65 25.74 -18.51 12.44
N ARG A 66 25.90 -19.78 12.08
CA ARG A 66 26.07 -20.81 13.11
C ARG A 66 27.28 -20.58 13.99
N ASP A 67 28.39 -20.10 13.40
CA ASP A 67 29.61 -19.79 14.15
C ASP A 67 29.38 -18.70 15.17
N VAL A 68 28.82 -17.57 14.71
CA VAL A 68 28.52 -16.47 15.62
C VAL A 68 27.60 -16.90 16.76
N LEU A 69 26.56 -17.64 16.43
CA LEU A 69 25.60 -18.15 17.42
C LEU A 69 26.31 -18.93 18.51
N LYS A 70 27.20 -19.85 18.13
CA LYS A 70 27.94 -20.64 19.11
C LYS A 70 28.81 -19.74 19.99
N GLU A 71 29.43 -18.72 19.41
CA GLU A 71 30.22 -17.76 20.19
C GLU A 71 29.37 -17.03 21.23
N MET A 72 28.19 -16.60 20.80
CA MET A 72 27.29 -15.87 21.67
C MET A 72 26.82 -16.77 22.83
N LYS A 73 26.49 -18.02 22.51
CA LYS A 73 26.09 -18.97 23.53
C LYS A 73 27.19 -19.27 24.54
N ALA A 74 28.45 -19.30 24.09
CA ALA A 74 29.57 -19.50 25.01
C ALA A 74 29.66 -18.40 26.05
N LYS A 75 29.40 -17.16 25.64
CA LYS A 75 29.39 -16.04 26.56
C LYS A 75 28.14 -16.07 27.43
N ALA A 76 27.00 -16.42 26.85
CA ALA A 76 25.74 -16.52 27.61
C ALA A 76 25.86 -17.54 28.75
N SER A 77 26.68 -18.58 28.56
CA SER A 77 26.80 -19.64 29.53
C SER A 77 27.57 -19.25 30.82
N THR A 78 28.12 -18.03 30.87
CA THR A 78 28.67 -17.46 32.08
C THR A 78 27.60 -16.83 33.01
N VAL A 79 26.38 -16.65 32.53
CA VAL A 79 25.33 -15.93 33.25
C VAL A 79 24.58 -16.83 34.25
N LYS A 80 24.40 -16.32 35.46
CA LYS A 80 23.48 -16.89 36.42
C LYS A 80 22.33 -15.87 36.60
N ALA A 81 21.09 -16.30 36.36
CA ALA A 81 19.92 -15.39 36.47
C ALA A 81 18.97 -15.89 37.54
N LYS A 82 18.34 -14.95 38.24
CA LYS A 82 17.50 -15.23 39.39
C LYS A 82 16.03 -14.99 39.07
N LEU A 83 15.16 -15.80 39.65
CA LEU A 83 13.70 -15.54 39.64
C LEU A 83 13.42 -14.29 40.41
N LEU A 84 12.55 -13.44 39.89
CA LEU A 84 12.03 -12.35 40.68
C LEU A 84 10.86 -12.87 41.52
N SER A 85 10.75 -12.41 42.77
CA SER A 85 9.56 -12.66 43.55
C SER A 85 8.39 -11.90 42.95
N ILE A 86 7.20 -12.37 43.28
CA ILE A 86 5.99 -11.63 42.95
C ILE A 86 6.02 -10.12 43.30
N GLU A 87 6.49 -9.80 44.50
CA GLU A 87 6.57 -8.43 44.98
C GLU A 87 7.50 -7.58 44.12
N GLU A 88 8.65 -8.16 43.75
CA GLU A 88 9.62 -7.45 42.94
C GLU A 88 9.05 -7.19 41.57
N ALA A 89 8.37 -8.19 40.99
CA ALA A 89 7.81 -8.02 39.67
C ALA A 89 6.65 -7.00 39.70
N CYS A 90 5.81 -7.06 40.73
CA CYS A 90 4.71 -6.10 40.90
C CYS A 90 5.24 -4.65 40.95
N LYS A 91 6.35 -4.43 41.66
CA LYS A 91 6.93 -3.08 41.73
C LYS A 91 7.53 -2.51 40.45
N LEU A 92 7.83 -3.37 39.48
CA LEU A 92 8.32 -2.98 38.17
C LEU A 92 7.19 -2.62 37.20
N THR A 93 5.93 -2.82 37.60
CA THR A 93 4.77 -2.56 36.76
C THR A 93 4.46 -1.05 36.81
N PRO A 94 4.35 -0.38 35.66
CA PRO A 94 3.98 1.06 35.66
C PRO A 94 2.60 1.31 36.23
N PRO A 95 2.39 2.39 37.00
CA PRO A 95 1.07 2.67 37.59
C PRO A 95 -0.08 2.81 36.62
N HIS A 96 0.19 3.08 35.34
CA HIS A 96 -0.87 3.21 34.32
C HIS A 96 -0.86 2.08 33.30
N SER A 97 -0.17 0.98 33.61
CA SER A 97 -0.14 -0.18 32.74
C SER A 97 -1.58 -0.67 32.52
N ALA A 98 -1.82 -1.21 31.33
CA ALA A 98 -3.15 -1.65 30.91
C ALA A 98 -3.72 -2.69 31.87
N LYS A 99 -4.96 -2.48 32.32
CA LYS A 99 -5.56 -3.35 33.33
C LYS A 99 -5.74 -4.75 32.77
N SER A 100 -5.84 -5.71 33.67
CA SER A 100 -6.14 -7.07 33.31
C SER A 100 -7.61 -7.22 32.95
N LYS A 101 -7.89 -8.12 32.01
CA LYS A 101 -9.27 -8.54 31.77
C LYS A 101 -9.88 -9.34 32.96
N PHE A 102 -9.03 -9.78 33.90
CA PHE A 102 -9.52 -10.47 35.09
C PHE A 102 -9.92 -9.60 36.28
N GLY A 103 -10.22 -8.32 36.03
CA GLY A 103 -10.85 -7.44 37.01
C GLY A 103 -9.96 -6.77 38.05
N TYR A 104 -8.73 -6.50 37.65
CA TYR A 104 -7.81 -5.72 38.45
C TYR A 104 -6.89 -4.96 37.50
N GLY A 105 -6.30 -3.90 38.02
CA GLY A 105 -5.41 -3.05 37.20
C GLY A 105 -4.02 -2.90 37.79
N ALA A 106 -3.28 -1.97 37.20
CA ALA A 106 -1.89 -1.77 37.55
C ALA A 106 -1.74 -1.34 38.98
N LYS A 107 -2.66 -0.50 39.47
CA LYS A 107 -2.61 -0.06 40.84
C LYS A 107 -2.81 -1.22 41.81
N ASP A 108 -3.62 -2.20 41.43
CA ASP A 108 -3.88 -3.36 42.29
C ASP A 108 -2.62 -4.27 42.32
N VAL A 109 -1.98 -4.44 41.17
CA VAL A 109 -0.70 -5.16 41.06
C VAL A 109 0.34 -4.56 42.01
N ARG A 110 0.57 -3.26 41.89
CA ARG A 110 1.53 -2.54 42.71
C ARG A 110 1.24 -2.62 44.21
N ASN A 111 -0.05 -2.64 44.60
CA ASN A 111 -0.45 -2.80 46.00
C ASN A 111 -0.51 -4.22 46.49
N LEU A 112 -0.27 -5.19 45.60
CA LEU A 112 -0.36 -6.62 45.93
C LEU A 112 -1.75 -7.00 46.44
N SER A 113 -2.77 -6.53 45.72
CA SER A 113 -4.16 -6.84 46.10
C SER A 113 -4.38 -8.35 45.96
N SER A 114 -5.26 -8.89 46.78
CA SER A 114 -5.63 -10.30 46.74
C SER A 114 -5.97 -10.79 45.35
N ARG A 115 -6.88 -10.10 44.67
CA ARG A 115 -7.28 -10.52 43.33
C ARG A 115 -6.14 -10.52 42.31
N ALA A 116 -5.33 -9.46 42.29
CA ALA A 116 -4.14 -9.39 41.42
C ALA A 116 -3.19 -10.58 41.62
N VAL A 117 -2.75 -10.75 42.86
CA VAL A 117 -1.76 -11.78 43.20
C VAL A 117 -2.33 -13.19 42.97
N ASN A 118 -3.63 -13.37 43.24
CA ASN A 118 -4.33 -14.63 42.94
C ASN A 118 -4.22 -14.94 41.47
N HIS A 119 -4.47 -13.93 40.66
CA HIS A 119 -4.41 -14.16 39.23
C HIS A 119 -2.98 -14.43 38.78
N ILE A 120 -2.04 -13.58 39.19
CA ILE A 120 -0.63 -13.75 38.84
C ILE A 120 -0.14 -15.18 39.16
N ARG A 121 -0.45 -15.67 40.37
CA ARG A 121 -0.10 -17.05 40.76
C ARG A 121 -0.74 -18.10 39.87
N SER A 122 -2.02 -17.92 39.53
CA SER A 122 -2.67 -18.83 38.59
C SER A 122 -2.02 -18.83 37.21
N VAL A 123 -1.68 -17.64 36.67
CA VAL A 123 -0.94 -17.56 35.42
C VAL A 123 0.43 -18.28 35.49
N TRP A 124 1.18 -18.09 36.58
CA TRP A 124 2.49 -18.72 36.76
C TRP A 124 2.34 -20.25 36.75
N GLU A 125 1.43 -20.75 37.57
CA GLU A 125 1.11 -22.20 37.60
C GLU A 125 0.72 -22.71 36.23
N ASP A 126 -0.06 -21.94 35.50
CA ASP A 126 -0.46 -22.30 34.15
C ASP A 126 0.71 -22.39 33.14
N LEU A 127 1.69 -21.49 33.25
CA LEU A 127 2.92 -21.63 32.43
C LEU A 127 3.66 -22.92 32.73
N LEU A 128 3.65 -23.32 34.00
CA LEU A 128 4.34 -24.56 34.40
C LEU A 128 3.58 -25.82 34.00
N GLU A 129 2.26 -25.73 33.90
CA GLU A 129 1.47 -26.92 33.63
C GLU A 129 1.06 -27.08 32.14
N ASP A 130 1.06 -25.99 31.38
CA ASP A 130 0.62 -26.01 29.98
C ASP A 130 1.79 -25.47 29.14
N THR A 131 2.34 -26.31 28.28
CA THR A 131 3.51 -25.98 27.47
C THR A 131 3.17 -25.60 26.03
N GLU A 132 1.89 -25.62 25.65
CA GLU A 132 1.50 -25.53 24.22
C GLU A 132 0.52 -24.43 23.85
N THR A 133 -0.51 -24.19 24.67
CA THR A 133 -1.66 -23.46 24.21
C THR A 133 -1.25 -21.99 23.94
N PRO A 134 -1.48 -21.48 22.71
CA PRO A 134 -1.11 -20.08 22.46
C PRO A 134 -1.80 -19.14 23.43
N ILE A 135 -1.09 -18.13 23.92
CA ILE A 135 -1.58 -17.12 24.84
C ILE A 135 -2.16 -15.92 24.06
N ASP A 136 -3.34 -15.48 24.47
CA ASP A 136 -4.04 -14.43 23.76
C ASP A 136 -3.24 -13.10 23.88
N THR A 137 -3.33 -12.30 22.84
CA THR A 137 -2.77 -10.97 22.84
C THR A 137 -3.79 -10.03 22.30
N THR A 138 -3.64 -8.79 22.67
CA THR A 138 -4.40 -7.69 22.14
C THR A 138 -3.56 -6.95 21.11
N ILE A 139 -4.19 -6.53 20.01
CA ILE A 139 -3.53 -5.66 19.04
C ILE A 139 -4.21 -4.27 19.05
N MET A 140 -3.41 -3.20 19.02
CA MET A 140 -3.92 -1.82 19.01
C MET A 140 -3.01 -0.97 18.11
N ALA A 141 -3.58 0.08 17.57
CA ALA A 141 -2.84 1.12 16.88
C ALA A 141 -2.25 2.07 17.90
N LYS A 142 -0.96 2.37 17.78
CA LYS A 142 -0.26 3.28 18.66
C LYS A 142 -0.56 4.74 18.25
N SER A 143 -0.76 5.59 19.24
CA SER A 143 -0.89 7.03 19.03
C SER A 143 0.47 7.71 19.20
N GLU A 144 1.05 8.23 18.11
CA GLU A 144 2.35 8.89 18.15
C GLU A 144 2.31 10.16 17.33
N VAL A 145 2.96 11.20 17.82
CA VAL A 145 2.94 12.52 17.16
C VAL A 145 4.17 12.76 16.29
N PHE A 146 3.93 13.25 15.06
CA PHE A 146 4.98 13.62 14.12
C PHE A 146 4.67 14.95 13.43
N CYS A 147 5.64 15.45 12.66
CA CYS A 147 5.43 16.54 11.72
C CYS A 147 5.29 15.98 10.32
N VAL A 148 4.38 16.55 9.51
CA VAL A 148 4.18 16.11 8.11
C VAL A 148 5.49 16.28 7.32
N GLN A 149 5.71 15.44 6.32
CA GLN A 149 6.88 15.57 5.43
C GLN A 149 6.48 15.61 3.94
N PRO A 150 7.07 16.55 3.16
CA PRO A 150 6.56 16.80 1.82
C PRO A 150 7.05 15.77 0.82
N GLY A 154 3.44 11.72 2.55
CA GLY A 154 2.77 12.73 3.38
C GLY A 154 2.76 12.42 4.87
N ARG A 155 2.34 11.19 5.21
CA ARG A 155 1.99 10.85 6.59
C ARG A 155 2.24 9.38 6.98
N LYS A 156 2.80 9.16 8.16
CA LYS A 156 3.15 7.83 8.64
C LYS A 156 1.88 7.18 9.19
N PRO A 157 1.64 5.91 8.83
CA PRO A 157 0.54 5.20 9.48
C PRO A 157 0.89 4.82 10.91
N ALA A 158 -0.11 4.47 11.71
CA ALA A 158 0.12 4.08 13.10
C ALA A 158 0.97 2.83 13.16
N ARG A 159 1.87 2.75 14.14
CA ARG A 159 2.51 1.47 14.48
C ARG A 159 1.50 0.58 15.22
N LEU A 160 1.67 -0.72 15.13
CA LEU A 160 0.77 -1.66 15.80
C LEU A 160 1.49 -2.23 17.01
N ILE A 161 0.81 -2.24 18.14
CA ILE A 161 1.38 -2.86 19.36
C ILE A 161 0.62 -4.12 19.71
N VAL A 162 1.36 -5.14 20.11
CA VAL A 162 0.80 -6.46 20.43
C VAL A 162 1.31 -6.84 21.81
N PHE A 163 0.39 -7.09 22.74
CA PHE A 163 0.75 -7.39 24.14
C PHE A 163 -0.21 -8.38 24.79
N PRO A 164 0.28 -9.19 25.75
CA PRO A 164 -0.56 -10.08 26.55
C PRO A 164 -1.16 -9.38 27.77
N ASP A 165 -1.99 -10.12 28.50
CA ASP A 165 -2.70 -9.63 29.67
C ASP A 165 -1.73 -9.29 30.80
N LEU A 166 -2.09 -8.30 31.61
CA LEU A 166 -1.25 -7.88 32.74
C LEU A 166 -0.71 -9.03 33.57
N GLY A 167 -1.54 -10.03 33.86
CA GLY A 167 -1.09 -11.17 34.62
C GLY A 167 0.09 -11.87 33.99
N VAL A 168 0.02 -12.07 32.69
CA VAL A 168 1.14 -12.64 31.92
C VAL A 168 2.38 -11.72 31.97
N ARG A 169 2.16 -10.42 31.83
CA ARG A 169 3.29 -9.45 31.87
C ARG A 169 4.03 -9.51 33.24
N VAL A 170 3.29 -9.70 34.33
CA VAL A 170 3.94 -9.86 35.65
C VAL A 170 4.75 -11.17 35.71
N CYS A 171 4.18 -12.24 35.16
CA CYS A 171 4.94 -13.53 35.05
C CYS A 171 6.21 -13.43 34.18
N GLU A 172 6.14 -12.69 33.06
CA GLU A 172 7.36 -12.46 32.25
C GLU A 172 8.51 -11.85 33.08
N LYS A 173 8.17 -10.86 33.88
CA LYS A 173 9.16 -10.23 34.77
C LYS A 173 9.80 -11.24 35.71
N MET A 174 8.98 -12.05 36.37
CA MET A 174 9.50 -13.09 37.27
C MET A 174 10.46 -14.07 36.58
N ALA A 175 10.07 -14.60 35.41
CA ALA A 175 10.93 -15.53 34.66
C ALA A 175 12.16 -14.92 34.03
N LEU A 176 12.04 -13.67 33.57
CA LEU A 176 12.98 -13.13 32.57
C LEU A 176 13.56 -11.75 32.78
N TYR A 177 13.14 -10.99 33.80
CA TYR A 177 13.68 -9.65 34.01
C TYR A 177 15.18 -9.65 34.24
N ASP A 178 15.64 -10.53 35.11
CA ASP A 178 17.08 -10.63 35.38
C ASP A 178 17.86 -11.04 34.13
N VAL A 179 17.32 -11.98 33.35
CA VAL A 179 17.94 -12.38 32.07
C VAL A 179 18.08 -11.20 31.11
N VAL A 180 16.98 -10.49 30.84
CA VAL A 180 17.01 -9.44 29.83
C VAL A 180 17.81 -8.23 30.26
N SER A 181 18.03 -8.10 31.55
CA SER A 181 18.79 -7.01 32.11
C SER A 181 20.31 -7.28 32.20
N THR A 182 20.72 -8.53 32.08
CA THR A 182 22.10 -8.97 32.33
C THR A 182 22.72 -9.69 31.13
N LEU A 183 21.92 -10.46 30.41
CA LEU A 183 22.47 -11.33 29.38
C LEU A 183 23.06 -10.53 28.21
N PRO A 184 22.36 -9.52 27.69
CA PRO A 184 22.86 -8.83 26.50
C PRO A 184 24.27 -8.30 26.63
N GLN A 185 24.59 -7.72 27.78
CA GLN A 185 25.95 -7.24 28.00
C GLN A 185 26.93 -8.36 28.17
N ALA A 186 26.54 -9.45 28.85
CA ALA A 186 27.42 -10.62 28.93
C ALA A 186 27.77 -11.17 27.53
N VAL A 187 26.79 -11.19 26.63
CA VAL A 187 26.98 -11.73 25.28
C VAL A 187 27.70 -10.79 24.33
N MET A 188 27.30 -9.52 24.31
CA MET A 188 27.79 -8.58 23.30
C MET A 188 28.84 -7.56 23.77
N GLY A 189 29.07 -7.51 25.08
CA GLY A 189 30.09 -6.63 25.64
C GLY A 189 29.88 -5.19 25.24
N SER A 190 30.94 -4.55 24.75
CA SER A 190 30.92 -3.14 24.39
C SER A 190 29.94 -2.78 23.25
N SER A 191 29.52 -3.79 22.48
CA SER A 191 28.53 -3.59 21.43
C SER A 191 27.11 -3.33 21.91
N TYR A 192 26.81 -3.63 23.18
CA TYR A 192 25.43 -3.50 23.70
C TYR A 192 25.13 -2.03 24.04
N GLY A 193 24.39 -1.38 23.17
CA GLY A 193 24.23 0.05 23.27
C GLY A 193 23.52 0.56 24.49
N PHE A 194 22.63 -0.25 25.10
CA PHE A 194 21.81 0.27 26.22
C PHE A 194 22.57 0.45 27.52
N GLN A 195 23.83 -0.02 27.58
CA GLN A 195 24.72 0.22 28.73
C GLN A 195 25.29 1.63 28.82
N TYR A 196 25.11 2.44 27.78
CA TYR A 196 25.71 3.76 27.70
C TYR A 196 24.69 4.88 27.93
N SER A 197 25.03 5.82 28.80
CA SER A 197 24.37 7.14 28.79
C SER A 197 24.76 7.84 27.47
N PRO A 198 24.09 8.98 27.12
CA PRO A 198 24.48 9.70 25.87
C PRO A 198 25.97 10.05 25.78
N LYS A 199 26.54 10.53 26.89
CA LYS A 199 27.96 10.88 26.94
C LYS A 199 28.86 9.67 26.67
N GLN A 200 28.50 8.56 27.31
CA GLN A 200 29.18 7.29 27.12
C GLN A 200 29.06 6.74 25.70
N ARG A 201 27.90 6.94 25.09
CA ARG A 201 27.67 6.53 23.72
C ARG A 201 28.57 7.28 22.78
N VAL A 202 28.56 8.61 22.93
CA VAL A 202 29.39 9.50 22.16
C VAL A 202 30.86 9.08 22.27
N GLU A 203 31.34 8.91 23.50
CA GLU A 203 32.71 8.47 23.77
C GLU A 203 33.09 7.18 23.02
N PHE A 204 32.22 6.19 23.10
CA PHE A 204 32.43 4.90 22.41
C PHE A 204 32.52 5.09 20.90
N LEU A 205 31.62 5.90 20.36
CA LEU A 205 31.58 6.15 18.93
C LEU A 205 32.83 6.88 18.48
N VAL A 206 33.21 7.93 19.23
CA VAL A 206 34.36 8.77 18.87
C VAL A 206 35.67 7.96 19.01
N ASN A 207 35.84 7.29 20.14
CA ASN A 207 37.00 6.43 20.35
C ASN A 207 37.08 5.31 19.33
N THR A 208 35.94 4.74 18.94
CA THR A 208 35.93 3.67 17.94
C THR A 208 36.39 4.23 16.60
N TRP A 209 35.85 5.39 16.25
CA TRP A 209 36.16 6.05 14.98
C TRP A 209 37.64 6.43 14.86
N LYS A 210 38.17 7.06 15.91
CA LYS A 210 39.58 7.41 16.03
C LYS A 210 40.53 6.21 16.12
N SER A 211 40.03 5.04 16.52
CA SER A 211 40.83 3.82 16.55
C SER A 211 41.10 3.17 15.19
N LYS A 212 40.40 3.59 14.12
CA LYS A 212 40.63 3.03 12.79
C LYS A 212 41.67 3.86 12.04
N LYS A 213 42.59 3.18 11.37
CA LYS A 213 43.56 3.85 10.51
C LYS A 213 42.80 4.69 9.49
N CYS A 214 41.79 4.11 8.83
CA CYS A 214 40.91 4.87 7.92
C CYS A 214 39.42 4.48 8.07
N PRO A 215 38.68 5.19 8.95
CA PRO A 215 37.34 4.75 9.32
C PRO A 215 36.29 4.86 8.21
N MET A 216 35.42 3.86 8.08
CA MET A 216 34.18 3.99 7.29
C MET A 216 33.10 3.48 8.20
N GLY A 217 31.93 4.13 8.20
CA GLY A 217 30.79 3.67 9.01
C GLY A 217 29.49 3.68 8.25
N PHE A 218 28.52 2.92 8.76
CA PHE A 218 27.20 2.94 8.19
C PHE A 218 26.16 2.51 9.20
N SER A 219 24.96 3.07 9.06
CA SER A 219 23.81 2.60 9.82
C SER A 219 23.08 1.61 8.94
N TYR A 220 22.42 0.62 9.53
CA TYR A 220 21.62 -0.34 8.75
C TYR A 220 20.20 -0.35 9.32
N ASP A 221 19.28 0.05 8.47
CA ASP A 221 17.87 0.10 8.80
C ASP A 221 17.19 -1.13 8.22
N THR A 222 16.79 -2.05 9.08
CA THR A 222 15.98 -3.20 8.63
C THR A 222 14.54 -2.74 8.48
N ARG A 223 13.94 -3.09 7.35
CA ARG A 223 12.54 -2.77 7.07
C ARG A 223 11.66 -3.61 8.00
N CYS A 224 10.86 -2.93 8.83
CA CYS A 224 9.89 -3.59 9.73
C CYS A 224 10.55 -4.74 10.46
N PHE A 225 11.59 -4.44 11.23
CA PHE A 225 12.39 -5.46 11.91
C PHE A 225 11.53 -6.53 12.62
N ASP A 226 10.59 -6.08 13.45
CA ASP A 226 9.75 -7.02 14.21
C ASP A 226 9.11 -8.09 13.32
N SER A 227 8.63 -7.70 12.15
CA SER A 227 8.06 -8.61 11.14
C SER A 227 9.05 -9.54 10.48
N THR A 228 10.32 -9.13 10.41
CA THR A 228 11.39 -9.98 9.86
C THR A 228 11.79 -11.13 10.80
N VAL A 229 11.52 -10.98 12.10
CA VAL A 229 11.90 -11.98 13.12
C VAL A 229 11.07 -13.26 12.93
N THR A 230 11.78 -14.38 12.70
CA THR A 230 11.13 -15.68 12.42
C THR A 230 10.93 -16.49 13.68
N GLU A 231 10.09 -17.52 13.54
CA GLU A 231 9.96 -18.53 14.59
C GLU A 231 11.31 -19.18 14.92
N SER A 232 12.12 -19.47 13.91
CA SER A 232 13.49 -19.94 14.13
C SER A 232 14.31 -18.94 14.99
N ASP A 233 14.29 -17.65 14.63
CA ASP A 233 15.02 -16.61 15.41
C ASP A 233 14.62 -16.61 16.88
N ILE A 234 13.33 -16.79 17.14
CA ILE A 234 12.78 -16.71 18.50
C ILE A 234 13.19 -17.95 19.32
N ARG A 235 13.23 -19.09 18.68
CA ARG A 235 13.79 -20.31 19.31
C ARG A 235 15.32 -20.24 19.51
N VAL A 236 16.02 -19.62 18.57
CA VAL A 236 17.47 -19.39 18.72
C VAL A 236 17.71 -18.47 19.91
N GLU A 237 16.88 -17.44 20.01
CA GLU A 237 16.92 -16.53 21.13
C GLU A 237 16.74 -17.30 22.47
N GLU A 238 15.71 -18.12 22.55
CA GLU A 238 15.52 -18.98 23.73
C GLU A 238 16.76 -19.85 23.98
N SER A 239 17.39 -20.34 22.91
CA SER A 239 18.58 -21.22 23.06
C SER A 239 19.69 -20.45 23.77
N ILE A 240 19.77 -19.15 23.49
CA ILE A 240 20.72 -18.31 24.21
C ILE A 240 20.31 -18.18 25.66
N TYR A 241 19.04 -17.85 25.91
CA TYR A 241 18.52 -17.75 27.30
C TYR A 241 18.76 -19.01 28.13
N GLN A 242 18.56 -20.16 27.51
CA GLN A 242 18.71 -21.46 28.22
C GLN A 242 20.18 -21.79 28.63
N CYS A 243 21.15 -21.04 28.12
CA CYS A 243 22.52 -21.18 28.57
C CYS A 243 22.76 -20.60 29.96
N CYS A 244 21.89 -19.70 30.44
CA CYS A 244 22.05 -19.18 31.82
C CYS A 244 21.86 -20.26 32.88
N ASP A 245 22.50 -20.10 34.04
CA ASP A 245 22.05 -20.90 35.19
C ASP A 245 20.68 -20.35 35.56
N LEU A 246 19.70 -21.23 35.68
CA LEU A 246 18.30 -20.81 35.94
C LEU A 246 17.63 -21.75 36.94
N ALA A 247 16.73 -21.18 37.72
CA ALA A 247 15.90 -22.02 38.57
C ALA A 247 15.02 -22.90 37.67
N PRO A 248 14.65 -24.09 38.13
CA PRO A 248 13.87 -24.97 37.24
C PRO A 248 12.54 -24.37 36.79
N GLU A 249 11.83 -23.68 37.70
CA GLU A 249 10.55 -23.03 37.29
C GLU A 249 10.79 -21.92 36.25
N ALA A 250 11.91 -21.23 36.39
CA ALA A 250 12.28 -20.19 35.40
C ALA A 250 12.55 -20.81 34.03
N ARG A 251 13.24 -21.95 34.03
CA ARG A 251 13.52 -22.68 32.79
C ARG A 251 12.25 -23.07 32.11
N GLN A 252 11.30 -23.61 32.88
CA GLN A 252 10.04 -24.00 32.31
C GLN A 252 9.19 -22.82 31.84
N ALA A 253 9.16 -21.77 32.65
CA ALA A 253 8.41 -20.56 32.26
C ALA A 253 8.98 -19.97 30.96
N ILE A 254 10.30 -19.98 30.82
CA ILE A 254 10.92 -19.49 29.59
C ILE A 254 10.53 -20.36 28.41
N ARG A 255 10.54 -21.67 28.64
CA ARG A 255 10.14 -22.62 27.64
C ARG A 255 8.66 -22.44 27.19
N SER A 256 7.77 -22.34 28.16
CA SER A 256 6.37 -22.19 27.86
C SER A 256 6.07 -20.82 27.22
N LEU A 257 6.66 -19.76 27.74
CA LEU A 257 6.46 -18.40 27.19
C LEU A 257 6.95 -18.35 25.76
N THR A 258 8.11 -18.98 25.50
CA THR A 258 8.62 -19.03 24.14
C THR A 258 7.61 -19.65 23.16
N GLU A 259 7.10 -20.83 23.48
CA GLU A 259 6.19 -21.54 22.56
C GLU A 259 4.80 -20.95 22.52
N ARG A 260 4.32 -20.42 23.65
CA ARG A 260 2.95 -19.97 23.75
C ARG A 260 2.74 -18.48 23.41
N LEU A 261 3.80 -17.68 23.56
CA LEU A 261 3.69 -16.24 23.43
C LEU A 261 4.72 -15.67 22.44
N TYR A 262 6.00 -15.93 22.66
CA TYR A 262 7.03 -15.23 21.88
C TYR A 262 7.05 -15.60 20.40
N ILE A 263 6.91 -16.88 20.06
CA ILE A 263 6.92 -17.30 18.64
C ILE A 263 5.70 -16.84 17.86
N GLY A 264 4.61 -16.50 18.54
CA GLY A 264 3.38 -16.20 17.85
C GLY A 264 2.13 -16.46 18.68
N GLY A 265 1.00 -16.20 18.05
CA GLY A 265 -0.32 -16.43 18.64
C GLY A 265 -1.43 -15.55 18.08
N PRO A 266 -2.66 -15.70 18.62
CA PRO A 266 -3.84 -14.99 18.12
C PRO A 266 -3.85 -13.54 18.52
N LEU A 267 -4.46 -12.73 17.67
CA LEU A 267 -4.50 -11.29 17.83
C LEU A 267 -5.96 -10.95 18.07
N THR A 268 -6.24 -10.26 19.16
CA THR A 268 -7.60 -9.86 19.49
C THR A 268 -7.66 -8.35 19.55
N ASN A 269 -8.67 -7.75 18.93
CA ASN A 269 -8.87 -6.30 18.97
C ASN A 269 -9.54 -5.89 20.28
N SER A 270 -9.66 -4.57 20.49
CA SER A 270 -10.25 -4.00 21.72
C SER A 270 -11.70 -4.41 21.97
N LYS A 271 -12.44 -4.72 20.91
CA LYS A 271 -13.80 -5.29 20.99
C LYS A 271 -13.88 -6.80 21.30
N GLY A 272 -12.75 -7.47 21.45
CA GLY A 272 -12.72 -8.92 21.74
C GLY A 272 -12.85 -9.84 20.53
N GLN A 273 -12.72 -9.29 19.32
CA GLN A 273 -12.84 -10.03 18.08
C GLN A 273 -11.47 -10.55 17.66
N ASN A 274 -11.44 -11.76 17.12
CA ASN A 274 -10.24 -12.36 16.54
C ASN A 274 -9.85 -11.65 15.24
N CYS A 275 -8.76 -10.88 15.29
CA CYS A 275 -8.18 -10.17 14.14
C CYS A 275 -7.24 -10.99 13.26
N GLY A 276 -6.67 -12.06 13.80
CA GLY A 276 -5.75 -12.89 13.06
C GLY A 276 -4.67 -13.54 13.91
N TYR A 277 -3.49 -13.72 13.33
CA TYR A 277 -2.47 -14.55 13.93
C TYR A 277 -1.09 -14.01 13.58
N ARG A 278 -0.21 -13.96 14.58
CA ARG A 278 1.14 -13.43 14.48
C ARG A 278 2.14 -14.60 14.51
N ARG A 279 3.14 -14.55 13.62
N ARG A 279 3.12 -14.58 13.60
CA ARG A 279 4.27 -15.50 13.61
CA ARG A 279 4.26 -15.51 13.62
C ARG A 279 5.63 -14.79 13.59
C ARG A 279 5.60 -14.76 13.54
N CYS A 280 5.68 -13.61 14.19
CA CYS A 280 6.87 -12.78 14.26
C CYS A 280 6.94 -12.17 15.65
N ARG A 281 7.86 -11.23 15.83
CA ARG A 281 8.03 -10.54 17.12
C ARG A 281 6.83 -9.74 17.53
N ALA A 282 6.44 -9.88 18.79
CA ALA A 282 5.44 -8.97 19.38
C ALA A 282 6.19 -7.77 19.95
N SER A 283 5.68 -6.58 19.67
CA SER A 283 6.28 -5.34 20.12
C SER A 283 6.17 -5.12 21.63
N GLY A 284 5.13 -5.66 22.27
CA GLY A 284 4.86 -5.43 23.69
C GLY A 284 5.00 -6.62 24.61
N VAL A 285 6.15 -7.27 24.56
CA VAL A 285 6.50 -8.27 25.54
C VAL A 285 7.84 -7.92 26.14
N LEU A 286 8.17 -8.56 27.27
CA LEU A 286 9.38 -8.20 28.02
C LEU A 286 10.67 -8.42 27.23
N THR A 287 10.67 -9.45 26.40
CA THR A 287 11.85 -9.85 25.68
C THR A 287 12.09 -9.10 24.35
N THR A 288 11.25 -8.13 24.00
CA THR A 288 11.37 -7.51 22.69
C THR A 288 12.72 -6.78 22.44
N SER A 289 13.14 -5.96 23.39
CA SER A 289 14.41 -5.21 23.26
C SER A 289 15.59 -6.21 23.24
N CYS A 290 15.61 -7.11 24.21
CA CYS A 290 16.70 -8.09 24.33
C CYS A 290 16.79 -9.02 23.12
N GLY A 291 15.63 -9.54 22.75
CA GLY A 291 15.48 -10.40 21.58
C GLY A 291 15.92 -9.72 20.31
N ASN A 292 15.43 -8.51 20.09
CA ASN A 292 15.84 -7.76 18.94
C ASN A 292 17.33 -7.49 18.94
N THR A 293 17.89 -7.12 20.09
CA THR A 293 19.27 -6.76 20.16
C THR A 293 20.14 -7.97 19.85
N LEU A 294 19.85 -9.11 20.48
CA LEU A 294 20.55 -10.37 20.18
C LEU A 294 20.44 -10.77 18.71
N THR A 295 19.24 -10.70 18.16
CA THR A 295 19.00 -11.16 16.81
C THR A 295 19.65 -10.24 15.78
N CYS A 296 19.55 -8.94 16.00
CA CYS A 296 20.23 -7.96 15.17
C CYS A 296 21.75 -8.16 15.18
N TYR A 297 22.32 -8.33 16.39
CA TYR A 297 23.74 -8.55 16.56
C TYR A 297 24.25 -9.82 15.88
N LEU A 298 23.53 -10.93 16.07
CA LEU A 298 23.84 -12.21 15.45
C LEU A 298 23.89 -12.10 13.94
N LYS A 299 22.79 -11.62 13.36
CA LYS A 299 22.68 -11.51 11.93
C LYS A 299 23.75 -10.56 11.39
N ALA A 300 23.92 -9.42 12.06
CA ALA A 300 24.86 -8.40 11.59
C ALA A 300 26.31 -8.85 11.70
N THR A 301 26.64 -9.58 12.76
CA THR A 301 28.01 -10.06 12.94
C THR A 301 28.33 -11.08 11.87
N ALA A 302 27.40 -11.99 11.60
CA ALA A 302 27.61 -12.97 10.51
C ALA A 302 27.70 -12.33 9.10
N ALA A 303 26.87 -11.31 8.86
CA ALA A 303 26.87 -10.58 7.59
C ALA A 303 28.18 -9.82 7.41
N CYS A 304 28.73 -9.26 8.49
CA CYS A 304 30.04 -8.61 8.42
C CYS A 304 31.12 -9.57 7.91
N ARG A 305 31.08 -10.80 8.43
CA ARG A 305 32.01 -11.85 8.00
C ARG A 305 31.78 -12.26 6.56
N ALA A 306 30.53 -12.39 6.15
CA ALA A 306 30.19 -12.75 4.77
C ALA A 306 30.62 -11.65 3.79
N ALA A 307 30.48 -10.41 4.22
CA ALA A 307 30.96 -9.25 3.46
C ALA A 307 32.47 -9.05 3.47
N LYS A 308 33.19 -9.78 4.32
CA LYS A 308 34.62 -9.61 4.56
C LYS A 308 34.96 -8.15 4.91
N LEU A 309 34.10 -7.51 5.70
CA LEU A 309 34.37 -6.18 6.23
C LEU A 309 35.47 -6.32 7.28
N GLN A 310 36.41 -5.39 7.30
CA GLN A 310 37.66 -5.53 8.08
C GLN A 310 37.61 -4.72 9.37
N ASP A 311 37.92 -5.36 10.49
CA ASP A 311 38.05 -4.72 11.79
C ASP A 311 36.76 -3.96 12.23
N CYS A 312 35.65 -4.69 12.23
CA CYS A 312 34.34 -4.10 12.53
C CYS A 312 34.18 -3.87 14.00
N THR A 313 33.56 -2.75 14.36
CA THR A 313 33.04 -2.53 15.71
C THR A 313 31.59 -2.19 15.53
N MET A 314 30.71 -2.90 16.23
CA MET A 314 29.28 -2.68 16.08
C MET A 314 28.73 -2.11 17.35
N LEU A 315 27.61 -1.42 17.20
CA LEU A 315 26.88 -0.87 18.30
C LEU A 315 25.40 -1.12 18.02
N VAL A 316 24.73 -1.88 18.89
CA VAL A 316 23.41 -2.38 18.63
C VAL A 316 22.45 -1.98 19.77
N ASN A 317 21.29 -1.44 19.40
CA ASN A 317 20.25 -1.02 20.35
C ASN A 317 18.97 -1.55 19.77
N GLY A 318 18.56 -2.74 20.20
CA GLY A 318 17.36 -3.35 19.63
C GLY A 318 17.59 -3.59 18.16
N ASP A 319 16.66 -3.10 17.33
CA ASP A 319 16.77 -3.23 15.86
C ASP A 319 17.69 -2.17 15.23
N ASP A 320 18.30 -1.35 16.06
CA ASP A 320 19.13 -0.27 15.56
C ASP A 320 20.60 -0.67 15.52
N LEU A 321 21.22 -0.52 14.35
CA LEU A 321 22.59 -1.01 14.11
C LEU A 321 23.45 0.08 13.51
N VAL A 322 24.66 0.23 14.03
CA VAL A 322 25.70 1.03 13.35
C VAL A 322 26.97 0.19 13.36
N VAL A 323 27.73 0.27 12.28
CA VAL A 323 29.01 -0.43 12.20
C VAL A 323 30.06 0.57 11.80
N ILE A 324 31.22 0.50 12.47
CA ILE A 324 32.40 1.25 12.07
C ILE A 324 33.49 0.23 11.76
N CYS A 325 34.11 0.38 10.58
CA CYS A 325 35.14 -0.57 10.12
C CYS A 325 36.28 0.15 9.44
N GLU A 326 37.26 -0.63 8.99
CA GLU A 326 38.43 -0.11 8.28
C GLU A 326 38.13 -0.05 6.80
N SER A 327 38.25 1.15 6.23
CA SER A 327 37.98 1.34 4.81
C SER A 327 39.00 0.56 3.98
N ALA A 328 38.55 0.07 2.83
CA ALA A 328 39.42 -0.52 1.81
C ALA A 328 39.43 0.32 0.53
N GLY A 329 38.79 1.50 0.54
CA GLY A 329 38.63 2.32 -0.67
C GLY A 329 37.16 2.48 -0.98
N THR A 330 36.85 3.46 -1.81
CA THR A 330 35.45 3.83 -2.08
C THR A 330 34.69 2.70 -2.77
N GLN A 331 35.19 2.25 -3.91
CA GLN A 331 34.48 1.27 -4.72
C GLN A 331 34.29 -0.07 -3.98
N GLU A 332 35.31 -0.43 -3.20
CA GLU A 332 35.34 -1.73 -2.51
C GLU A 332 34.56 -1.69 -1.19
N ASP A 333 34.49 -0.54 -0.52
CA ASP A 333 33.52 -0.33 0.58
C ASP A 333 32.07 -0.44 0.08
N ALA A 334 31.78 0.18 -1.07
CA ALA A 334 30.43 0.10 -1.67
C ALA A 334 30.01 -1.34 -1.97
N ALA A 335 30.94 -2.10 -2.55
CA ALA A 335 30.74 -3.53 -2.87
C ALA A 335 30.56 -4.40 -1.63
N ALA A 336 31.41 -4.17 -0.63
CA ALA A 336 31.33 -4.88 0.63
C ALA A 336 30.01 -4.61 1.33
N LEU A 337 29.57 -3.34 1.34
CA LEU A 337 28.32 -2.98 1.99
C LEU A 337 27.11 -3.63 1.28
N ARG A 338 27.19 -3.77 -0.05
CA ARG A 338 26.16 -4.49 -0.80
C ARG A 338 26.16 -5.97 -0.43
N ALA A 339 27.35 -6.58 -0.31
CA ALA A 339 27.40 -8.00 0.14
C ALA A 339 26.84 -8.16 1.56
N PHE A 340 27.14 -7.20 2.44
CA PHE A 340 26.60 -7.19 3.80
C PHE A 340 25.07 -7.24 3.75
N THR A 341 24.50 -6.38 2.92
CA THR A 341 23.04 -6.27 2.75
C THR A 341 22.47 -7.55 2.17
N GLU A 342 23.15 -8.12 1.18
CA GLU A 342 22.72 -9.39 0.59
C GLU A 342 22.63 -10.52 1.61
N ALA A 343 23.57 -10.57 2.55
CA ALA A 343 23.60 -11.59 3.60
C ALA A 343 22.53 -11.30 4.67
N MET A 344 22.40 -10.05 5.11
CA MET A 344 21.27 -9.70 6.02
C MET A 344 19.92 -10.09 5.41
N THR A 345 19.77 -9.87 4.10
CA THR A 345 18.56 -10.22 3.37
C THR A 345 18.32 -11.72 3.37
N ARG A 346 19.37 -12.52 3.14
CA ARG A 346 19.27 -13.97 3.29
C ARG A 346 18.85 -14.39 4.70
N TYR A 347 19.36 -13.69 5.71
CA TYR A 347 19.03 -13.97 7.12
C TYR A 347 17.63 -13.47 7.57
N SER A 348 16.90 -12.85 6.66
CA SER A 348 15.51 -12.38 6.84
C SER A 348 15.42 -10.88 7.10
N ALA A 349 16.52 -10.13 7.06
CA ALA A 349 16.55 -8.74 7.52
C ALA A 349 16.89 -7.76 6.40
N PRO A 350 16.01 -7.68 5.35
CA PRO A 350 16.27 -6.76 4.27
C PRO A 350 16.17 -5.32 4.71
N PRO A 351 16.78 -4.42 3.94
CA PRO A 351 16.88 -3.03 4.37
C PRO A 351 15.64 -2.22 3.99
N GLY A 352 15.33 -1.21 4.80
CA GLY A 352 14.36 -0.18 4.41
C GLY A 352 15.12 0.78 3.51
N ASP A 353 15.81 1.74 4.11
CA ASP A 353 16.72 2.62 3.37
C ASP A 353 17.97 1.83 2.98
N PRO A 354 18.34 1.81 1.68
CA PRO A 354 19.59 1.10 1.39
C PRO A 354 20.75 1.77 2.14
N PRO A 355 21.63 0.98 2.80
CA PRO A 355 22.70 1.59 3.58
C PRO A 355 23.74 2.25 2.68
N GLN A 356 24.38 3.30 3.18
CA GLN A 356 25.45 3.99 2.45
C GLN A 356 26.71 4.15 3.32
N PRO A 357 27.89 3.93 2.72
CA PRO A 357 29.12 4.15 3.49
C PRO A 357 29.31 5.62 3.79
N GLU A 358 29.82 5.91 4.98
CA GLU A 358 29.90 7.28 5.49
C GLU A 358 31.33 7.48 6.00
N TYR A 359 31.96 8.55 5.54
CA TYR A 359 33.36 8.85 5.90
C TYR A 359 33.48 10.00 6.88
N ASP A 360 32.36 10.58 7.30
CA ASP A 360 32.30 11.59 8.34
C ASP A 360 31.35 11.13 9.46
N LEU A 361 31.90 10.84 10.63
CA LEU A 361 31.14 10.32 11.77
C LEU A 361 29.88 11.15 12.05
N GLU A 362 29.99 12.46 11.90
CA GLU A 362 28.89 13.38 12.20
C GLU A 362 27.63 13.16 11.33
N LEU A 363 27.81 12.63 10.12
CA LEU A 363 26.70 12.33 9.20
C LEU A 363 26.09 10.94 9.42
N ILE A 364 26.66 10.14 10.33
CA ILE A 364 26.05 8.85 10.69
C ILE A 364 24.94 9.07 11.73
N THR A 365 23.73 8.68 11.35
CA THR A 365 22.60 8.69 12.27
C THR A 365 22.36 7.26 12.79
N SER A 366 22.38 7.08 14.09
CA SER A 366 21.99 5.82 14.75
C SER A 366 21.26 6.13 16.05
N CYS A 367 20.25 5.31 16.36
CA CYS A 367 19.25 5.62 17.40
C CYS A 367 18.68 7.01 17.22
N SER A 368 18.37 7.33 15.96
CA SER A 368 17.87 8.64 15.54
C SER A 368 18.77 9.82 16.00
N SER A 369 20.06 9.57 16.21
CA SER A 369 20.95 10.56 16.77
C SER A 369 22.28 10.57 16.05
N ASN A 370 22.96 11.69 16.10
CA ASN A 370 24.30 11.82 15.54
C ASN A 370 25.27 12.50 16.51
N VAL A 371 26.56 12.20 16.36
CA VAL A 371 27.59 12.89 17.13
C VAL A 371 27.82 14.26 16.49
N SER A 372 27.99 15.28 17.32
CA SER A 372 28.39 16.61 16.82
C SER A 372 29.39 17.21 17.80
N VAL A 373 29.94 18.36 17.48
CA VAL A 373 30.95 18.96 18.33
C VAL A 373 30.58 20.41 18.64
N ALA A 374 30.85 20.81 19.87
CA ALA A 374 30.81 22.21 20.32
C ALA A 374 32.03 22.50 21.19
N HIS A 375 32.08 23.67 21.82
CA HIS A 375 33.15 24.04 22.75
C HIS A 375 32.55 24.47 24.07
N ASP A 376 33.23 24.18 25.17
CA ASP A 376 32.76 24.55 26.51
C ASP A 376 33.23 25.97 26.85
N ALA A 377 33.00 26.40 28.10
CA ALA A 377 33.37 27.76 28.54
C ALA A 377 34.83 28.09 28.22
N SER A 378 35.73 27.17 28.59
CA SER A 378 37.17 27.35 28.37
C SER A 378 37.69 27.09 26.94
N GLY A 379 36.82 26.71 26.01
CA GLY A 379 37.19 26.51 24.61
C GLY A 379 37.54 25.09 24.16
N LYS A 380 37.54 24.13 25.07
CA LYS A 380 37.81 22.71 24.73
C LYS A 380 36.69 22.16 23.87
N ARG A 381 37.03 21.30 22.90
CA ARG A 381 36.04 20.58 22.11
C ARG A 381 35.28 19.66 23.03
N VAL A 382 33.98 19.56 22.81
CA VAL A 382 33.15 18.61 23.52
C VAL A 382 32.25 17.96 22.48
N TYR A 383 32.29 16.63 22.42
CA TYR A 383 31.43 15.86 21.56
C TYR A 383 30.16 15.62 22.36
N TYR A 384 29.05 15.57 21.66
CA TYR A 384 27.74 15.41 22.31
C TYR A 384 26.78 14.77 21.32
N LEU A 385 25.71 14.19 21.83
CA LEU A 385 24.68 13.60 20.99
C LEU A 385 23.55 14.59 20.68
N THR A 386 23.15 14.67 19.40
CA THR A 386 22.01 15.49 18.94
C THR A 386 21.16 14.73 17.92
N ARG A 387 20.09 15.36 17.46
CA ARG A 387 19.22 14.81 16.44
C ARG A 387 18.47 15.97 15.80
N ASP A 388 17.77 15.66 14.73
CA ASP A 388 16.83 16.58 14.14
C ASP A 388 15.72 16.81 15.20
N PRO A 389 15.47 18.07 15.57
CA PRO A 389 14.47 18.39 16.64
C PRO A 389 13.02 18.32 16.25
N THR A 390 12.71 17.96 15.00
CA THR A 390 11.36 18.09 14.47
C THR A 390 10.40 17.27 15.31
N THR A 391 10.66 15.98 15.44
CA THR A 391 9.73 15.12 16.20
C THR A 391 9.65 15.51 17.70
N PRO A 392 10.78 15.75 18.37
CA PRO A 392 10.74 16.27 19.74
C PRO A 392 9.90 17.56 19.93
N LEU A 393 10.06 18.51 19.04
CA LEU A 393 9.27 19.75 19.10
C LEU A 393 7.77 19.55 18.78
N ALA A 394 7.44 18.72 17.79
CA ALA A 394 6.05 18.43 17.49
C ALA A 394 5.35 17.74 18.68
N ARG A 395 6.04 16.79 19.29
CA ARG A 395 5.57 16.10 20.50
C ARG A 395 5.42 17.04 21.68
N ALA A 396 6.39 17.95 21.88
CA ALA A 396 6.29 18.99 22.90
C ALA A 396 5.06 19.92 22.72
N ALA A 397 4.76 20.33 21.49
CA ALA A 397 3.57 21.13 21.23
C ALA A 397 2.31 20.33 21.60
N TRP A 398 2.26 19.06 21.19
CA TRP A 398 1.13 18.21 21.58
C TRP A 398 0.90 18.13 23.11
N GLU A 399 1.97 17.87 23.84
CA GLU A 399 1.95 17.74 25.31
C GLU A 399 1.66 19.05 26.03
N THR A 400 1.92 20.18 25.38
CA THR A 400 1.53 21.48 25.89
C THR A 400 0.03 21.67 25.80
N ALA A 401 -0.54 21.25 24.67
CA ALA A 401 -1.96 21.50 24.36
C ALA A 401 -2.91 20.45 24.93
N ARG A 402 -2.44 19.21 25.01
CA ARG A 402 -3.26 18.08 25.47
C ARG A 402 -2.58 17.35 26.60
N HIS A 403 -3.37 16.91 27.56
CA HIS A 403 -2.87 16.10 28.66
C HIS A 403 -2.39 14.73 28.13
N THR A 404 -1.19 14.33 28.54
CA THR A 404 -0.64 13.02 28.18
C THR A 404 0.11 12.43 29.39
N PRO A 405 0.05 11.11 29.56
CA PRO A 405 0.75 10.47 30.70
C PRO A 405 2.29 10.48 30.58
N ILE A 406 2.83 10.19 29.39
CA ILE A 406 4.27 10.27 29.12
C ILE A 406 4.63 11.67 28.57
N ASN A 407 5.72 12.22 29.10
CA ASN A 407 6.20 13.56 28.84
C ASN A 407 7.52 13.45 28.08
N SER A 408 7.42 13.25 26.76
CA SER A 408 8.62 13.14 25.91
C SER A 408 9.52 14.35 26.02
N TRP A 409 8.95 15.51 26.33
CA TRP A 409 9.75 16.71 26.53
C TRP A 409 10.78 16.55 27.65
N LEU A 410 10.37 15.89 28.72
CA LEU A 410 11.24 15.71 29.86
C LEU A 410 12.35 14.70 29.54
N GLY A 411 12.00 13.58 28.92
CA GLY A 411 12.97 12.61 28.38
C GLY A 411 13.93 13.21 27.37
N ASN A 412 13.43 14.08 26.52
CA ASN A 412 14.27 14.76 25.53
C ASN A 412 15.25 15.76 26.16
N ILE A 413 14.82 16.46 27.22
CA ILE A 413 15.77 17.29 27.97
C ILE A 413 16.88 16.45 28.62
N ILE A 414 16.54 15.31 29.19
CA ILE A 414 17.52 14.47 29.87
C ILE A 414 18.54 13.94 28.87
N MET A 415 18.05 13.41 27.76
CA MET A 415 18.92 12.79 26.77
C MET A 415 19.71 13.78 25.89
N TYR A 416 19.15 14.96 25.62
CA TYR A 416 19.73 15.95 24.69
C TYR A 416 19.92 17.32 25.33
N ALA A 417 20.13 17.35 26.65
CA ALA A 417 20.42 18.57 27.40
C ALA A 417 21.52 19.48 26.83
N PRO A 418 22.59 18.91 26.25
CA PRO A 418 23.63 19.79 25.72
C PRO A 418 23.27 20.56 24.43
N THR A 419 22.22 20.13 23.74
CA THR A 419 21.93 20.59 22.39
C THR A 419 21.42 22.02 22.38
N LEU A 420 21.62 22.70 21.27
CA LEU A 420 21.14 24.06 21.11
C LEU A 420 19.61 24.14 21.31
N TRP A 421 18.92 23.15 20.78
CA TRP A 421 17.46 23.15 20.65
C TRP A 421 16.77 22.79 21.92
N ALA A 422 17.31 21.82 22.66
CA ALA A 422 16.73 21.42 23.95
C ALA A 422 16.87 22.53 24.99
N ARG A 423 17.96 23.27 24.93
CA ARG A 423 18.24 24.32 25.89
C ARG A 423 17.41 25.57 25.59
N MET A 424 17.51 26.04 24.36
CA MET A 424 16.78 27.24 23.91
C MET A 424 15.27 27.08 24.04
N ILE A 425 14.74 25.94 23.59
CA ILE A 425 13.28 25.75 23.49
C ILE A 425 12.66 24.95 24.65
N LEU A 426 13.08 23.70 24.82
CA LEU A 426 12.36 22.80 25.72
C LEU A 426 12.50 23.24 27.20
N MET A 427 13.72 23.59 27.61
CA MET A 427 13.90 24.05 28.99
C MET A 427 13.10 25.33 29.24
N THR A 428 13.30 26.34 28.36
CA THR A 428 12.61 27.60 28.50
C THR A 428 11.08 27.43 28.55
N HIS A 429 10.53 26.65 27.63
CA HIS A 429 9.09 26.50 27.46
C HIS A 429 8.46 25.79 28.66
N PHE A 430 9.03 24.66 29.06
CA PHE A 430 8.40 23.81 30.08
C PHE A 430 8.63 24.35 31.50
N PHE A 431 9.81 24.87 31.80
CA PHE A 431 9.99 25.59 33.06
C PHE A 431 9.08 26.81 33.20
N SER A 432 8.76 27.48 32.09
N SER A 432 8.75 27.48 32.10
CA SER A 432 7.84 28.61 32.13
CA SER A 432 7.84 28.62 32.15
C SER A 432 6.43 28.16 32.55
C SER A 432 6.43 28.17 32.56
N ILE A 433 5.90 27.17 31.86
CA ILE A 433 4.58 26.58 32.17
C ILE A 433 4.51 26.03 33.61
N LEU A 434 5.53 25.27 34.00
CA LEU A 434 5.58 24.63 35.33
C LEU A 434 5.59 25.65 36.43
N LEU A 435 6.41 26.67 36.26
CA LEU A 435 6.52 27.71 37.22
C LEU A 435 5.20 28.49 37.32
N ALA A 436 4.61 28.85 36.18
CA ALA A 436 3.31 29.52 36.15
C ALA A 436 2.18 28.71 36.80
N GLN A 437 2.21 27.40 36.61
CA GLN A 437 1.23 26.47 37.20
C GLN A 437 1.58 26.01 38.62
N GLU A 438 2.74 26.43 39.16
CA GLU A 438 3.23 26.05 40.49
C GLU A 438 3.38 24.53 40.64
N GLN A 439 4.03 23.91 39.66
CA GLN A 439 4.16 22.46 39.60
C GLN A 439 5.61 22.01 39.37
N LEU A 440 6.58 22.87 39.66
CA LEU A 440 7.99 22.49 39.55
C LEU A 440 8.31 21.26 40.41
N GLU A 441 7.65 21.19 41.57
CA GLU A 441 7.90 20.16 42.58
C GLU A 441 7.31 18.79 42.22
N LYS A 442 6.24 18.80 41.42
CA LYS A 442 5.52 17.60 40.99
C LYS A 442 6.31 16.71 40.02
N ALA A 443 6.40 15.41 40.36
CA ALA A 443 7.15 14.45 39.56
C ALA A 443 6.36 14.04 38.33
N LEU A 444 7.07 13.81 37.24
CA LEU A 444 6.43 13.46 35.98
C LEU A 444 7.03 12.20 35.39
N ASP A 445 6.19 11.45 34.70
CA ASP A 445 6.66 10.26 34.01
C ASP A 445 7.31 10.65 32.70
N CYS A 446 8.44 10.01 32.40
CA CYS A 446 9.00 10.01 31.06
C CYS A 446 9.66 8.65 30.80
N GLN A 447 10.04 8.40 29.55
CA GLN A 447 10.71 7.18 29.14
C GLN A 447 12.19 7.38 28.85
N ILE A 448 13.00 6.41 29.28
CA ILE A 448 14.43 6.36 28.95
C ILE A 448 14.76 4.91 28.56
N TYR A 449 15.16 4.72 27.30
CA TYR A 449 15.32 3.38 26.68
C TYR A 449 14.15 2.42 26.93
N GLY A 450 12.93 2.93 26.70
CA GLY A 450 11.72 2.13 26.84
C GLY A 450 11.13 1.97 28.24
N ALA A 451 11.93 2.18 29.28
CA ALA A 451 11.44 2.16 30.66
C ALA A 451 10.92 3.50 31.16
N CYS A 452 9.92 3.43 32.02
CA CYS A 452 9.26 4.62 32.58
C CYS A 452 9.92 5.01 33.89
N TYR A 453 10.27 6.29 34.00
CA TYR A 453 10.87 6.87 35.21
C TYR A 453 10.05 8.04 35.69
N SER A 454 9.86 8.13 37.00
CA SER A 454 9.18 9.27 37.62
C SER A 454 10.24 10.23 38.12
N ILE A 455 10.26 11.46 37.58
CA ILE A 455 11.34 12.42 37.82
C ILE A 455 10.78 13.80 38.20
N GLU A 456 11.35 14.38 39.24
CA GLU A 456 11.04 15.74 39.65
C GLU A 456 11.78 16.70 38.72
N PRO A 457 11.07 17.64 38.06
CA PRO A 457 11.75 18.60 37.21
C PRO A 457 12.88 19.37 37.88
N LEU A 458 12.72 19.70 39.15
CA LEU A 458 13.74 20.46 39.92
C LEU A 458 15.09 19.74 40.10
N ASP A 459 15.10 18.41 39.93
CA ASP A 459 16.33 17.61 39.90
C ASP A 459 17.12 17.67 38.59
N LEU A 460 16.63 18.37 37.57
CA LEU A 460 17.26 18.33 36.25
C LEU A 460 18.72 18.79 36.25
N PRO A 461 19.06 19.91 36.92
CA PRO A 461 20.48 20.32 36.93
C PRO A 461 21.45 19.19 37.38
N GLN A 462 21.09 18.48 38.44
CA GLN A 462 21.89 17.37 38.97
C GLN A 462 21.97 16.20 37.99
N ILE A 463 20.82 15.80 37.48
CA ILE A 463 20.74 14.74 36.48
C ILE A 463 21.58 15.06 35.25
N ILE A 464 21.46 16.28 34.74
CA ILE A 464 22.21 16.69 33.56
C ILE A 464 23.73 16.70 33.83
N GLU A 465 24.17 17.21 34.99
CA GLU A 465 25.62 17.21 35.31
C GLU A 465 26.20 15.79 35.33
N ARG A 466 25.54 14.89 36.07
CA ARG A 466 25.97 13.48 36.19
C ARG A 466 26.08 12.82 34.81
N LEU A 467 25.00 12.90 34.04
CA LEU A 467 24.93 12.34 32.69
C LEU A 467 25.82 12.98 31.64
N HIS A 468 25.83 14.32 31.55
CA HIS A 468 26.50 15.03 30.45
C HIS A 468 27.76 15.82 30.83
N GLY A 469 27.97 16.02 32.11
CA GLY A 469 29.02 16.89 32.60
C GLY A 469 28.54 18.33 32.71
N LEU A 470 29.27 19.11 33.50
CA LEU A 470 29.05 20.56 33.66
C LEU A 470 29.01 21.32 32.30
N SER A 471 29.80 20.82 31.36
CA SER A 471 29.86 21.26 29.95
C SER A 471 28.49 21.52 29.27
N ALA A 472 27.49 20.72 29.59
CA ALA A 472 26.15 20.88 29.06
C ALA A 472 25.50 22.25 29.35
N PHE A 473 25.99 22.96 30.37
CA PHE A 473 25.50 24.30 30.72
C PHE A 473 26.31 25.43 30.09
N THR A 474 27.43 25.10 29.44
CA THR A 474 28.34 26.11 28.88
C THR A 474 28.65 25.93 27.38
N LEU A 475 28.11 24.90 26.71
CA LEU A 475 28.38 24.70 25.27
C LEU A 475 28.00 25.87 24.37
N HIS A 476 28.91 26.20 23.47
CA HIS A 476 28.72 27.23 22.49
C HIS A 476 29.58 26.88 21.26
N SER A 477 29.53 27.73 20.25
CA SER A 477 30.25 27.51 19.00
C SER A 477 29.88 26.11 18.44
N TYR A 478 28.57 25.95 18.28
CA TYR A 478 27.97 24.76 17.69
C TYR A 478 28.38 24.73 16.23
N SER A 479 28.31 23.55 15.60
CA SER A 479 28.81 23.41 14.22
C SER A 479 27.85 24.06 13.23
N PRO A 480 28.36 24.46 12.05
CA PRO A 480 27.46 25.04 11.04
C PRO A 480 26.37 24.10 10.59
N GLY A 481 26.70 22.81 10.49
CA GLY A 481 25.73 21.78 10.10
C GLY A 481 24.57 21.66 11.06
N GLU A 482 24.88 21.65 12.35
CA GLU A 482 23.87 21.53 13.40
C GLU A 482 23.00 22.79 13.42
N ILE A 483 23.66 23.94 13.43
CA ILE A 483 22.94 25.23 13.42
C ILE A 483 21.96 25.30 12.25
N ASN A 484 22.45 24.99 11.05
CA ASN A 484 21.62 25.00 9.85
C ASN A 484 20.42 24.05 9.95
N ARG A 485 20.64 22.84 10.46
CA ARG A 485 19.53 21.92 10.68
C ARG A 485 18.51 22.48 11.69
N VAL A 486 18.99 23.01 12.81
CA VAL A 486 18.10 23.61 13.81
C VAL A 486 17.28 24.75 13.21
N ALA A 487 17.94 25.65 12.50
CA ALA A 487 17.26 26.81 11.96
C ALA A 487 16.18 26.43 10.95
N SER A 488 16.55 25.53 10.06
CA SER A 488 15.64 25.00 9.05
C SER A 488 14.40 24.31 9.68
N CYS A 489 14.61 23.45 10.68
N CYS A 489 14.61 23.46 10.67
CA CYS A 489 13.51 22.82 11.42
CA CYS A 489 13.49 22.80 11.36
C CYS A 489 12.59 23.86 12.03
C CYS A 489 12.58 23.81 12.09
N LEU A 490 13.18 24.83 12.70
CA LEU A 490 12.43 25.89 13.37
C LEU A 490 11.65 26.79 12.42
N ARG A 491 12.18 27.08 11.22
CA ARG A 491 11.41 27.75 10.15
C ARG A 491 10.21 26.92 9.75
N LYS A 492 10.45 25.64 9.46
CA LYS A 492 9.38 24.71 9.07
C LYS A 492 8.23 24.69 10.08
N LEU A 493 8.54 24.64 11.36
CA LEU A 493 7.50 24.53 12.39
C LEU A 493 6.91 25.88 12.82
N GLY A 494 7.60 26.97 12.50
CA GLY A 494 7.16 28.31 12.88
C GLY A 494 7.45 28.60 14.35
N VAL A 495 8.64 28.25 14.81
CA VAL A 495 9.05 28.44 16.19
C VAL A 495 9.59 29.88 16.33
N PRO A 496 9.21 30.61 17.40
CA PRO A 496 9.69 31.97 17.50
C PRO A 496 11.20 32.08 17.55
N PRO A 497 11.74 33.26 17.22
CA PRO A 497 13.19 33.39 17.09
C PRO A 497 13.94 33.38 18.41
N LEU A 498 15.26 33.29 18.34
CA LEU A 498 16.12 33.29 19.52
C LEU A 498 15.83 34.44 20.49
N ARG A 499 15.63 35.64 19.96
CA ARG A 499 15.31 36.79 20.81
C ARG A 499 14.15 36.55 21.76
N THR A 500 13.11 35.92 21.27
CA THR A 500 11.93 35.57 22.07
C THR A 500 12.26 34.53 23.16
N TRP A 501 12.95 33.47 22.80
CA TRP A 501 13.34 32.46 23.78
C TRP A 501 14.31 33.01 24.83
N ARG A 502 15.21 33.88 24.39
CA ARG A 502 16.16 34.57 25.29
C ARG A 502 15.42 35.44 26.31
N HIS A 503 14.43 36.21 25.87
CA HIS A 503 13.60 37.02 26.75
C HIS A 503 12.84 36.14 27.76
N ARG A 504 12.16 35.13 27.25
CA ARG A 504 11.43 34.16 28.07
C ARG A 504 12.33 33.47 29.09
N ALA A 505 13.53 33.11 28.66
CA ALA A 505 14.48 32.44 29.55
C ALA A 505 15.00 33.38 30.63
N ARG A 506 15.30 34.61 30.28
CA ARG A 506 15.69 35.60 31.28
C ARG A 506 14.62 35.80 32.36
N SER A 507 13.35 35.76 31.94
CA SER A 507 12.23 35.98 32.83
C SER A 507 12.00 34.78 33.77
N VAL A 508 11.91 33.58 33.21
CA VAL A 508 11.75 32.37 34.04
C VAL A 508 12.99 32.15 34.92
N ARG A 509 14.17 32.51 34.41
CA ARG A 509 15.40 32.44 35.21
C ARG A 509 15.34 33.36 36.41
N ALA A 510 14.84 34.58 36.22
CA ALA A 510 14.67 35.52 37.34
C ALA A 510 13.75 34.97 38.43
N LYS A 511 12.61 34.42 38.03
CA LYS A 511 11.62 33.87 38.96
C LYS A 511 12.12 32.61 39.68
N LEU A 512 12.91 31.79 39.00
CA LEU A 512 13.49 30.59 39.61
C LEU A 512 14.49 30.96 40.68
N LEU A 513 15.38 31.90 40.37
CA LEU A 513 16.38 32.39 41.33
C LEU A 513 15.79 32.97 42.62
N SER A 514 14.64 33.63 42.52
CA SER A 514 14.02 34.26 43.69
C SER A 514 13.36 33.23 44.62
N GLN A 515 13.03 32.06 44.09
CA GLN A 515 12.45 31.00 44.90
C GLN A 515 13.46 30.27 45.82
N GLY A 516 14.76 30.34 45.51
CA GLY A 516 15.78 29.62 46.28
C GLY A 516 15.75 28.12 46.09
N GLY A 517 16.78 27.45 46.59
CA GLY A 517 16.83 26.00 46.60
C GLY A 517 17.06 25.38 45.24
N ARG A 518 16.42 24.24 44.98
CA ARG A 518 16.54 23.56 43.69
C ARG A 518 16.01 24.42 42.52
N ALA A 519 14.97 25.19 42.78
CA ALA A 519 14.45 26.15 41.80
C ALA A 519 15.56 27.10 41.35
N ALA A 520 16.23 27.74 42.32
CA ALA A 520 17.32 28.65 42.01
C ALA A 520 18.50 27.96 41.32
N THR A 521 18.75 26.71 41.66
CA THR A 521 19.77 25.93 40.95
C THR A 521 19.37 25.80 39.48
N CYS A 522 18.10 25.48 39.23
CA CYS A 522 17.57 25.41 37.85
C CYS A 522 17.81 26.74 37.06
N GLY A 523 17.56 27.87 37.72
CA GLY A 523 17.82 29.19 37.12
C GLY A 523 19.27 29.44 36.77
N ARG A 524 20.16 29.25 37.76
CA ARG A 524 21.62 29.46 37.60
C ARG A 524 22.22 28.64 36.46
N TYR A 525 21.93 27.34 36.42
CA TYR A 525 22.64 26.41 35.51
C TYR A 525 21.96 26.25 34.14
N LEU A 526 20.64 26.08 34.13
CA LEU A 526 19.90 25.80 32.89
C LEU A 526 19.83 27.01 31.95
N PHE A 527 19.85 28.21 32.51
CA PHE A 527 19.58 29.42 31.75
C PHE A 527 20.72 30.44 31.77
N ASN A 528 21.95 29.96 31.96
CA ASN A 528 23.14 30.81 31.96
C ASN A 528 23.46 31.31 30.54
N TRP A 529 23.09 30.52 29.54
CA TRP A 529 23.19 30.94 28.13
C TRP A 529 22.42 32.23 27.81
N ALA A 530 21.28 32.43 28.48
CA ALA A 530 20.36 33.56 28.22
C ALA A 530 20.84 34.92 28.70
N VAL A 531 21.63 34.94 29.77
CA VAL A 531 22.08 36.21 30.34
C VAL A 531 23.27 36.83 29.60
N ARG A 532 23.29 38.14 29.63
CA ARG A 532 24.30 39.00 29.01
C ARG A 532 25.71 38.76 29.61
N THR A 533 25.76 38.64 30.93
CA THR A 533 26.99 38.48 31.73
C THR A 533 26.92 37.10 32.36
N LYS A 534 27.64 36.16 31.76
CA LYS A 534 27.61 34.78 32.19
C LYS A 534 28.23 34.58 33.58
N LEU A 535 27.72 33.58 34.29
CA LEU A 535 28.23 33.19 35.60
C LEU A 535 29.12 31.97 35.46
N LYS A 536 30.14 31.90 36.32
CA LYS A 536 30.96 30.71 36.43
C LYS A 536 30.15 29.64 37.15
N LEU A 537 30.09 28.44 36.58
CA LEU A 537 29.28 27.35 37.10
C LEU A 537 30.20 26.25 37.61
N THR A 538 29.86 25.66 38.76
CA THR A 538 30.68 24.60 39.39
C THR A 538 29.83 23.39 39.80
N PRO A 539 30.47 22.27 40.12
CA PRO A 539 29.77 21.08 40.64
C PRO A 539 28.70 21.30 41.74
N ILE A 540 27.60 20.56 41.64
CA ILE A 540 26.43 20.74 42.51
C ILE A 540 26.47 19.69 43.65
N PRO A 541 26.35 20.12 44.93
CA PRO A 541 26.16 19.16 46.03
C PRO A 541 24.80 18.45 46.00
N ASP A 547 21.06 8.50 43.08
CA ASP A 547 21.11 7.06 42.71
C ASP A 547 20.67 6.87 41.27
N LEU A 548 21.63 6.76 40.37
CA LEU A 548 21.36 6.52 38.96
C LEU A 548 21.95 5.16 38.55
N SER A 549 21.90 4.19 39.46
CA SER A 549 22.49 2.85 39.24
C SER A 549 21.84 2.13 38.07
N GLY A 550 20.52 2.06 38.14
CA GLY A 550 19.72 1.34 37.16
C GLY A 550 19.54 2.06 35.85
N TRP A 551 19.97 3.32 35.77
CA TRP A 551 19.86 4.10 34.52
C TRP A 551 20.94 3.66 33.56
N PHE A 552 20.57 3.52 32.28
CA PHE A 552 21.53 3.13 31.23
C PHE A 552 22.24 1.81 31.52
N VAL A 553 21.47 0.82 31.93
CA VAL A 553 21.92 -0.56 32.03
C VAL A 553 21.35 -1.38 30.87
N ALA A 554 20.05 -1.26 30.61
CA ALA A 554 19.41 -2.06 29.57
C ALA A 554 18.23 -1.35 28.94
N GLY A 555 17.81 -1.89 27.79
CA GLY A 555 16.63 -1.42 27.09
C GLY A 555 15.44 -2.27 27.38
N TYR A 556 14.26 -1.66 27.32
CA TYR A 556 12.99 -2.30 27.68
C TYR A 556 11.79 -1.86 26.83
N SER A 557 12.03 -1.40 25.61
CA SER A 557 10.96 -0.97 24.72
C SER A 557 9.85 -2.03 24.61
N GLY A 558 8.67 -1.61 25.02
CA GLY A 558 7.46 -2.43 25.03
C GLY A 558 7.34 -3.37 26.20
N GLY A 559 8.28 -3.33 27.13
CA GLY A 559 8.44 -4.38 28.16
C GLY A 559 7.78 -4.05 29.49
N ASP A 560 7.04 -2.95 29.53
CA ASP A 560 6.15 -2.65 30.65
C ASP A 560 6.94 -2.49 31.96
N ILE A 561 8.05 -1.75 31.89
CA ILE A 561 8.95 -1.53 33.02
C ILE A 561 8.87 -0.09 33.61
N TYR A 562 8.85 0.00 34.95
CA TYR A 562 8.77 1.22 35.70
C TYR A 562 9.82 1.30 36.80
N HIS A 563 10.26 2.52 37.14
CA HIS A 563 11.22 2.78 38.24
C HIS A 563 10.95 4.01 39.08
N SER B 2 10.35 -11.30 -7.11
CA SER B 2 8.86 -11.17 -6.98
C SER B 2 8.22 -9.81 -7.36
N MET B 3 9.01 -8.93 -7.97
CA MET B 3 8.56 -7.60 -8.38
C MET B 3 7.81 -7.69 -9.67
N SER B 4 6.67 -7.01 -9.75
CA SER B 4 5.94 -6.91 -11.03
C SER B 4 6.81 -6.46 -12.20
N TYR B 5 7.68 -5.48 -11.94
CA TYR B 5 8.54 -4.88 -12.96
C TYR B 5 9.90 -4.53 -12.37
N THR B 6 10.94 -4.57 -13.20
CA THR B 6 12.21 -3.93 -12.87
C THR B 6 12.49 -2.95 -14.00
N TRP B 7 13.12 -1.82 -13.68
CA TRP B 7 13.31 -0.74 -14.64
C TRP B 7 14.76 -0.40 -14.74
N THR B 8 15.24 -0.15 -15.95
CA THR B 8 16.63 0.27 -16.21
C THR B 8 16.81 1.77 -16.05
N GLY B 9 15.70 2.52 -16.07
CA GLY B 9 15.76 3.98 -16.06
C GLY B 9 15.71 4.65 -17.44
N ALA B 10 15.83 3.89 -18.52
CA ALA B 10 15.44 4.39 -19.84
C ALA B 10 13.95 4.76 -19.83
N LEU B 11 13.60 5.79 -20.60
CA LEU B 11 12.26 6.36 -20.55
C LEU B 11 11.24 5.63 -21.44
N ILE B 12 10.00 5.64 -21.01
CA ILE B 12 8.90 5.25 -21.87
C ILE B 12 8.71 6.45 -22.78
N THR B 13 8.97 6.24 -24.06
CA THR B 13 9.03 7.31 -25.04
C THR B 13 7.82 7.31 -25.98
N PRO B 14 7.42 8.50 -26.49
CA PRO B 14 6.37 8.51 -27.50
C PRO B 14 6.96 8.30 -28.87
N CYS B 15 6.14 7.89 -29.83
CA CYS B 15 6.55 7.71 -31.24
C CYS B 15 6.15 8.87 -32.15
N ALA B 16 5.33 9.79 -31.63
CA ALA B 16 4.99 11.02 -32.33
C ALA B 16 4.71 12.11 -31.29
N ALA B 17 4.43 13.33 -31.76
CA ALA B 17 3.93 14.39 -30.89
C ALA B 17 2.66 13.92 -30.22
N GLU B 18 2.44 14.38 -28.99
CA GLU B 18 1.29 13.98 -28.17
C GLU B 18 0.44 15.16 -27.76
N GLU B 19 -0.84 15.14 -28.12
CA GLU B 19 -1.74 16.21 -27.73
C GLU B 19 -2.35 15.88 -26.34
N SER B 20 -2.34 16.86 -25.43
CA SER B 20 -2.97 16.70 -24.10
C SER B 20 -4.26 17.54 -23.84
N LYS B 21 -4.50 18.60 -24.60
CA LYS B 21 -5.66 19.51 -24.30
C LYS B 21 -6.70 19.46 -25.40
N LEU B 22 -7.97 19.55 -25.03
CA LEU B 22 -9.05 19.59 -26.01
C LEU B 22 -8.96 20.90 -26.85
N PRO B 23 -8.98 20.80 -28.19
CA PRO B 23 -8.98 22.01 -29.03
C PRO B 23 -10.20 22.89 -28.81
N ILE B 24 -10.09 24.14 -29.17
CA ILE B 24 -11.20 25.06 -29.12
C ILE B 24 -11.76 25.05 -30.54
N ASN B 25 -12.83 24.29 -30.75
CA ASN B 25 -13.36 23.99 -32.09
C ASN B 25 -14.86 24.14 -32.02
N PRO B 26 -15.51 24.82 -32.98
CA PRO B 26 -16.97 25.00 -32.90
C PRO B 26 -17.78 23.72 -32.77
N LEU B 27 -17.35 22.68 -33.48
CA LEU B 27 -18.04 21.39 -33.44
C LEU B 27 -18.01 20.74 -32.06
N SER B 28 -16.84 20.61 -31.47
CA SER B 28 -16.74 20.03 -30.13
C SER B 28 -17.35 20.99 -29.09
N ASN B 29 -17.17 22.28 -29.31
CA ASN B 29 -17.72 23.25 -28.38
C ASN B 29 -19.27 23.24 -28.28
N SER B 30 -19.95 22.81 -29.34
CA SER B 30 -21.42 22.72 -29.30
C SER B 30 -21.89 21.42 -28.62
N LEU B 31 -20.96 20.52 -28.35
CA LEU B 31 -21.21 19.38 -27.48
C LEU B 31 -20.98 19.73 -26.01
N LEU B 32 -19.83 20.35 -25.72
CA LEU B 32 -19.49 20.76 -24.36
C LEU B 32 -18.60 21.95 -24.40
N ARG B 33 -18.89 22.93 -23.55
N ARG B 33 -18.89 22.91 -23.54
CA ARG B 33 -18.22 24.24 -23.58
CA ARG B 33 -18.29 24.24 -23.57
C ARG B 33 -16.99 24.32 -22.71
C ARG B 33 -17.05 24.37 -22.67
N HIS B 34 -16.90 23.47 -21.68
CA HIS B 34 -15.80 23.53 -20.71
C HIS B 34 -14.63 22.69 -21.23
N HIS B 35 -14.05 23.12 -22.34
CA HIS B 35 -12.95 22.41 -22.97
C HIS B 35 -11.77 22.15 -22.04
N ASN B 36 -11.50 23.05 -21.09
CA ASN B 36 -10.35 22.88 -20.19
C ASN B 36 -10.52 21.78 -19.15
N MET B 37 -11.71 21.25 -19.01
CA MET B 37 -11.89 20.05 -18.19
C MET B 37 -11.53 18.73 -18.87
N VAL B 38 -11.25 18.76 -20.17
CA VAL B 38 -11.07 17.54 -20.93
C VAL B 38 -9.60 17.42 -21.34
N TYR B 39 -8.99 16.32 -20.92
CA TYR B 39 -7.57 16.05 -21.23
C TYR B 39 -7.32 14.68 -21.79
N ALA B 40 -6.19 14.50 -22.45
CA ALA B 40 -5.72 13.18 -22.87
C ALA B 40 -4.41 12.86 -22.17
N THR B 41 -4.27 11.62 -21.72
CA THR B 41 -3.01 11.18 -21.13
C THR B 41 -1.90 11.12 -22.18
N THR B 42 -0.65 11.27 -21.73
CA THR B 42 0.54 11.21 -22.61
C THR B 42 1.67 10.54 -21.84
N SER B 43 2.79 10.34 -22.54
N SER B 43 2.80 10.32 -22.53
CA SER B 43 4.03 9.75 -21.98
CA SER B 43 3.97 9.66 -21.96
C SER B 43 4.61 10.56 -20.83
C SER B 43 4.67 10.53 -20.91
N ARG B 44 4.34 11.86 -20.82
N ARG B 44 4.31 11.82 -20.84
CA ARG B 44 4.90 12.71 -19.78
CA ARG B 44 4.87 12.69 -19.83
C ARG B 44 4.52 12.29 -18.37
C ARG B 44 4.52 12.29 -18.40
N SER B 45 3.42 11.55 -18.22
CA SER B 45 3.02 11.00 -16.91
C SER B 45 3.38 9.52 -16.70
N ALA B 46 4.17 8.92 -17.60
CA ALA B 46 4.44 7.48 -17.57
C ALA B 46 5.13 7.06 -16.27
N SER B 47 6.11 7.85 -15.80
CA SER B 47 6.84 7.49 -14.60
C SER B 47 5.95 7.49 -13.36
N LEU B 48 4.90 8.31 -13.34
CA LEU B 48 3.89 8.21 -12.28
C LEU B 48 3.21 6.83 -12.28
N ARG B 49 2.83 6.39 -13.46
CA ARG B 49 2.19 5.07 -13.59
C ARG B 49 3.16 3.96 -13.21
N GLN B 50 4.38 4.05 -13.74
CA GLN B 50 5.42 3.08 -13.46
C GLN B 50 5.54 2.82 -11.97
N LYS B 51 5.58 3.89 -11.19
CA LYS B 51 5.59 3.80 -9.72
C LYS B 51 4.39 3.05 -9.11
N LYS B 52 3.18 3.35 -9.54
CA LYS B 52 1.98 2.69 -8.99
C LYS B 52 1.96 1.18 -9.33
N VAL B 53 2.47 0.86 -10.51
CA VAL B 53 2.36 -0.45 -11.18
C VAL B 53 3.50 -1.42 -10.77
N THR B 54 4.50 -0.89 -10.05
CA THR B 54 5.70 -1.61 -9.64
C THR B 54 5.70 -1.93 -8.15
N PHE B 55 5.59 -3.21 -7.81
CA PHE B 55 5.61 -3.64 -6.40
C PHE B 55 5.87 -5.13 -6.23
N ASP B 56 6.21 -5.51 -5.01
CA ASP B 56 6.40 -6.89 -4.62
C ASP B 56 5.03 -7.55 -4.39
N ARG B 57 4.77 -8.66 -5.06
CA ARG B 57 3.52 -9.41 -4.84
C ARG B 57 3.68 -10.38 -3.68
N LEU B 58 2.69 -10.44 -2.79
CA LEU B 58 2.57 -11.63 -1.92
C LEU B 58 1.45 -12.54 -2.41
N GLN B 59 1.68 -13.85 -2.29
CA GLN B 59 0.74 -14.86 -2.73
C GLN B 59 0.91 -16.12 -1.89
N VAL B 60 -0.16 -16.53 -1.22
CA VAL B 60 -0.17 -17.75 -0.43
C VAL B 60 -1.45 -18.46 -0.87
N LEU B 61 -1.29 -19.68 -1.37
CA LEU B 61 -2.41 -20.43 -1.91
C LEU B 61 -2.83 -21.40 -0.83
N ASP B 62 -4.09 -21.81 -0.91
CA ASP B 62 -4.67 -22.67 0.13
C ASP B 62 -5.59 -23.73 -0.50
N ASP B 63 -6.24 -24.54 0.33
CA ASP B 63 -7.12 -25.61 -0.14
C ASP B 63 -8.31 -25.15 -0.97
N HIS B 64 -8.97 -24.07 -0.56
CA HIS B 64 -10.04 -23.47 -1.36
C HIS B 64 -9.57 -23.12 -2.76
N TYR B 65 -8.42 -22.47 -2.87
CA TYR B 65 -7.85 -22.14 -4.17
C TYR B 65 -7.61 -23.44 -5.00
N ARG B 66 -6.96 -24.42 -4.38
CA ARG B 66 -6.72 -25.71 -5.05
C ARG B 66 -7.97 -26.45 -5.51
N ASP B 67 -9.00 -26.45 -4.65
CA ASP B 67 -10.27 -27.07 -4.93
C ASP B 67 -10.95 -26.46 -6.13
N VAL B 68 -11.06 -25.13 -6.11
CA VAL B 68 -11.66 -24.42 -7.24
C VAL B 68 -10.87 -24.65 -8.51
N LEU B 69 -9.54 -24.60 -8.45
CA LEU B 69 -8.77 -24.78 -9.67
C LEU B 69 -9.11 -26.15 -10.31
N LYS B 70 -9.16 -27.21 -9.50
CA LYS B 70 -9.49 -28.57 -10.00
C LYS B 70 -10.86 -28.64 -10.66
N GLU B 71 -11.83 -27.94 -10.07
CA GLU B 71 -13.18 -27.84 -10.62
C GLU B 71 -13.15 -27.15 -11.96
N MET B 72 -12.39 -26.06 -12.06
CA MET B 72 -12.28 -25.38 -13.34
C MET B 72 -11.61 -26.24 -14.41
N LYS B 73 -10.53 -26.93 -14.04
CA LYS B 73 -9.84 -27.83 -14.95
C LYS B 73 -10.76 -28.98 -15.45
N ALA B 74 -11.56 -29.55 -14.55
CA ALA B 74 -12.52 -30.58 -14.97
C ALA B 74 -13.47 -30.09 -16.05
N LYS B 75 -13.93 -28.82 -15.97
CA LYS B 75 -14.78 -28.27 -17.02
C LYS B 75 -13.97 -27.94 -18.27
N ALA B 76 -12.77 -27.41 -18.09
CA ALA B 76 -11.87 -27.18 -19.22
C ALA B 76 -11.59 -28.45 -20.06
N SER B 77 -11.58 -29.61 -19.39
N SER B 77 -11.58 -29.60 -19.36
CA SER B 77 -11.26 -30.87 -20.05
CA SER B 77 -11.30 -30.91 -19.97
C SER B 77 -12.31 -31.38 -21.04
C SER B 77 -12.30 -31.36 -21.03
N THR B 78 -13.46 -30.71 -21.11
CA THR B 78 -14.46 -30.99 -22.15
C THR B 78 -14.20 -30.29 -23.47
N VAL B 79 -13.25 -29.35 -23.51
CA VAL B 79 -13.10 -28.45 -24.66
C VAL B 79 -12.16 -29.10 -25.68
N LYS B 80 -12.51 -28.94 -26.95
CA LYS B 80 -11.63 -29.27 -28.05
C LYS B 80 -11.41 -27.99 -28.82
N ALA B 81 -10.15 -27.54 -28.87
CA ALA B 81 -9.77 -26.30 -29.58
C ALA B 81 -9.03 -26.61 -30.89
N LYS B 82 -9.26 -25.79 -31.89
CA LYS B 82 -8.62 -25.98 -33.20
C LYS B 82 -7.62 -24.86 -33.46
N LEU B 83 -6.59 -25.21 -34.23
CA LEU B 83 -5.67 -24.26 -34.79
C LEU B 83 -6.39 -23.40 -35.80
N LEU B 84 -6.18 -22.10 -35.77
CA LEU B 84 -6.52 -21.27 -36.93
C LEU B 84 -5.43 -21.40 -37.99
N SER B 85 -5.85 -21.40 -39.26
CA SER B 85 -4.91 -21.25 -40.40
C SER B 85 -4.28 -19.85 -40.45
N ILE B 86 -3.19 -19.69 -41.22
CA ILE B 86 -2.57 -18.37 -41.41
C ILE B 86 -3.62 -17.37 -41.93
N GLU B 87 -4.36 -17.78 -42.96
CA GLU B 87 -5.40 -16.95 -43.59
C GLU B 87 -6.38 -16.41 -42.54
N GLU B 88 -6.92 -17.30 -41.72
CA GLU B 88 -7.89 -16.91 -40.70
C GLU B 88 -7.30 -15.95 -39.68
N ALA B 89 -6.07 -16.20 -39.24
CA ALA B 89 -5.42 -15.37 -38.26
C ALA B 89 -5.10 -13.97 -38.81
N CYS B 90 -4.63 -13.92 -40.05
CA CYS B 90 -4.42 -12.68 -40.77
C CYS B 90 -5.71 -11.85 -40.88
N LYS B 91 -6.83 -12.51 -41.21
CA LYS B 91 -8.14 -11.85 -41.33
C LYS B 91 -8.68 -11.24 -40.02
N LEU B 92 -8.23 -11.76 -38.88
CA LEU B 92 -8.54 -11.17 -37.57
C LEU B 92 -7.70 -9.95 -37.18
N THR B 93 -6.67 -9.62 -37.96
CA THR B 93 -5.76 -8.52 -37.64
C THR B 93 -6.39 -7.18 -38.05
N PRO B 94 -6.50 -6.24 -37.12
CA PRO B 94 -7.01 -4.90 -37.52
C PRO B 94 -6.15 -4.22 -38.58
N PRO B 95 -6.79 -3.61 -39.61
CA PRO B 95 -6.08 -2.86 -40.64
C PRO B 95 -5.06 -1.82 -40.15
N HIS B 96 -5.26 -1.22 -38.97
CA HIS B 96 -4.32 -0.23 -38.44
C HIS B 96 -3.43 -0.72 -37.30
N SER B 97 -3.38 -2.03 -37.11
CA SER B 97 -2.53 -2.67 -36.11
C SER B 97 -1.07 -2.24 -36.36
N ALA B 98 -0.33 -2.11 -35.27
CA ALA B 98 1.09 -1.76 -35.29
C ALA B 98 1.90 -2.65 -36.24
N LYS B 99 2.60 -2.00 -37.17
CA LYS B 99 3.46 -2.71 -38.11
C LYS B 99 4.54 -3.50 -37.39
N SER B 100 5.03 -4.54 -38.03
CA SER B 100 6.13 -5.35 -37.52
C SER B 100 7.42 -4.53 -37.64
N LYS B 101 8.41 -4.83 -36.80
CA LYS B 101 9.78 -4.35 -36.97
C LYS B 101 10.46 -4.96 -38.18
N PHE B 102 9.88 -6.00 -38.77
CA PHE B 102 10.55 -6.76 -39.82
C PHE B 102 10.02 -6.49 -41.23
N GLY B 103 9.67 -5.23 -41.49
CA GLY B 103 9.41 -4.75 -42.86
C GLY B 103 8.07 -5.12 -43.46
N TYR B 104 7.04 -5.19 -42.63
CA TYR B 104 5.69 -5.41 -43.11
C TYR B 104 4.70 -4.89 -42.06
N GLY B 105 3.52 -4.54 -42.52
CA GLY B 105 2.49 -3.96 -41.69
C GLY B 105 1.20 -4.75 -41.71
N ALA B 106 0.22 -4.22 -41.00
CA ALA B 106 -1.06 -4.89 -40.82
C ALA B 106 -1.73 -5.17 -42.17
N LYS B 107 -1.79 -4.17 -43.05
CA LYS B 107 -2.37 -4.38 -44.38
C LYS B 107 -1.62 -5.45 -45.23
N ASP B 108 -0.30 -5.55 -45.08
CA ASP B 108 0.46 -6.68 -45.70
C ASP B 108 -0.01 -8.05 -45.15
N VAL B 109 -0.23 -8.11 -43.84
CA VAL B 109 -0.76 -9.31 -43.18
C VAL B 109 -2.15 -9.64 -43.72
N ARG B 110 -3.07 -8.66 -43.66
CA ARG B 110 -4.43 -8.87 -44.20
C ARG B 110 -4.43 -9.27 -45.69
N ASN B 111 -3.54 -8.68 -46.47
CA ASN B 111 -3.38 -9.01 -47.91
C ASN B 111 -2.63 -10.32 -48.19
N LEU B 112 -2.14 -10.99 -47.16
CA LEU B 112 -1.41 -12.23 -47.27
C LEU B 112 -0.19 -12.09 -48.20
N SER B 113 0.56 -10.99 -48.05
CA SER B 113 1.77 -10.77 -48.89
C SER B 113 2.83 -11.80 -48.54
N SER B 114 3.74 -12.06 -49.48
CA SER B 114 4.77 -13.09 -49.33
C SER B 114 5.62 -12.85 -48.12
N ARG B 115 6.09 -11.62 -47.97
CA ARG B 115 6.95 -11.26 -46.87
C ARG B 115 6.28 -11.44 -45.50
N ALA B 116 5.05 -10.96 -45.37
CA ALA B 116 4.31 -11.12 -44.12
C ALA B 116 4.12 -12.60 -43.80
N VAL B 117 3.70 -13.37 -44.80
CA VAL B 117 3.36 -14.77 -44.61
C VAL B 117 4.61 -15.57 -44.26
N ASN B 118 5.71 -15.31 -44.98
CA ASN B 118 6.99 -15.95 -44.70
C ASN B 118 7.50 -15.63 -43.32
N HIS B 119 7.35 -14.39 -42.90
CA HIS B 119 7.75 -14.02 -41.55
C HIS B 119 6.86 -14.71 -40.49
N ILE B 120 5.56 -14.78 -40.73
CA ILE B 120 4.65 -15.48 -39.78
C ILE B 120 5.00 -16.95 -39.65
N ARG B 121 5.28 -17.60 -40.76
CA ARG B 121 5.70 -19.00 -40.75
C ARG B 121 7.00 -19.22 -39.98
N SER B 122 7.99 -18.34 -40.16
CA SER B 122 9.26 -18.51 -39.41
C SER B 122 9.06 -18.24 -37.89
N VAL B 123 8.17 -17.31 -37.55
CA VAL B 123 7.85 -17.03 -36.14
C VAL B 123 7.17 -18.27 -35.52
N TRP B 124 6.24 -18.86 -36.27
CA TRP B 124 5.53 -20.07 -35.79
C TRP B 124 6.51 -21.23 -35.57
N GLU B 125 7.31 -21.55 -36.59
CA GLU B 125 8.38 -22.57 -36.46
C GLU B 125 9.24 -22.34 -35.22
N ASP B 126 9.62 -21.11 -34.97
CA ASP B 126 10.48 -20.77 -33.85
C ASP B 126 9.80 -20.94 -32.50
N LEU B 127 8.50 -20.68 -32.43
CA LEU B 127 7.76 -21.06 -31.24
C LEU B 127 7.78 -22.57 -31.01
N LEU B 128 7.77 -23.35 -32.08
CA LEU B 128 7.74 -24.80 -31.91
C LEU B 128 9.12 -25.33 -31.50
N GLU B 129 10.15 -24.66 -31.97
CA GLU B 129 11.53 -25.14 -31.78
C GLU B 129 12.18 -24.61 -30.51
N ASP B 130 11.93 -23.33 -30.20
CA ASP B 130 12.55 -22.66 -29.08
C ASP B 130 11.50 -22.50 -27.96
N THR B 131 11.76 -23.20 -26.85
CA THR B 131 10.84 -23.30 -25.73
C THR B 131 11.18 -22.35 -24.60
N GLU B 132 12.19 -21.50 -24.75
CA GLU B 132 12.72 -20.71 -23.63
C GLU B 132 13.00 -19.24 -23.83
N THR B 133 13.50 -18.85 -24.99
CA THR B 133 14.10 -17.53 -25.16
C THR B 133 13.02 -16.46 -25.04
N PRO B 134 13.13 -15.56 -24.06
CA PRO B 134 12.12 -14.52 -23.93
C PRO B 134 11.91 -13.76 -25.22
N ILE B 135 10.66 -13.46 -25.53
CA ILE B 135 10.27 -12.72 -26.73
C ILE B 135 10.22 -11.24 -26.38
N ASP B 136 10.70 -10.40 -27.28
CA ASP B 136 10.67 -8.95 -27.06
C ASP B 136 9.25 -8.39 -26.99
N THR B 137 9.08 -7.34 -26.18
CA THR B 137 7.85 -6.53 -26.17
C THR B 137 8.19 -5.05 -26.24
N THR B 138 7.23 -4.26 -26.74
CA THR B 138 7.31 -2.82 -26.71
C THR B 138 6.43 -2.36 -25.58
N ILE B 139 6.87 -1.32 -24.89
CA ILE B 139 6.08 -0.64 -23.89
C ILE B 139 5.80 0.78 -24.38
N MET B 140 4.53 1.19 -24.30
CA MET B 140 4.10 2.54 -24.65
C MET B 140 3.16 3.07 -23.56
N ALA B 141 3.15 4.38 -23.42
CA ALA B 141 2.07 5.10 -22.74
C ALA B 141 0.82 5.17 -23.64
N LYS B 142 -0.32 4.84 -23.05
CA LYS B 142 -1.64 4.91 -23.69
C LYS B 142 -2.16 6.34 -23.68
N SER B 143 -2.70 6.78 -24.81
CA SER B 143 -3.40 8.04 -24.89
C SER B 143 -4.90 7.81 -24.67
N GLU B 144 -5.43 8.20 -23.53
CA GLU B 144 -6.89 8.05 -23.25
C GLU B 144 -7.43 9.38 -22.75
N VAL B 145 -8.67 9.73 -23.11
CA VAL B 145 -9.21 11.05 -22.67
C VAL B 145 -10.19 10.94 -21.52
N PHE B 146 -10.07 11.88 -20.58
CA PHE B 146 -10.91 11.90 -19.37
C PHE B 146 -11.34 13.31 -19.05
N CYS B 147 -12.28 13.42 -18.12
CA CYS B 147 -12.62 14.72 -17.53
C CYS B 147 -11.80 14.84 -16.26
N VAL B 148 -11.26 16.02 -15.98
CA VAL B 148 -10.57 16.27 -14.69
C VAL B 148 -11.51 15.97 -13.49
N GLN B 149 -10.92 15.55 -12.36
CA GLN B 149 -11.71 15.24 -11.13
C GLN B 149 -11.58 16.33 -10.04
N PRO B 150 -12.48 16.33 -9.04
CA PRO B 150 -12.40 17.36 -8.00
C PRO B 150 -11.36 17.01 -6.93
N GLY B 154 -6.58 16.24 -9.62
CA GLY B 154 -5.43 15.36 -9.82
C GLY B 154 -5.65 14.40 -10.98
N ARG B 155 -5.04 14.71 -12.13
CA ARG B 155 -5.25 13.93 -13.36
C ARG B 155 -4.73 12.48 -13.27
N LYS B 156 -5.36 11.60 -14.04
CA LYS B 156 -4.91 10.23 -14.16
C LYS B 156 -3.61 10.22 -14.98
N PRO B 157 -2.60 9.46 -14.52
CA PRO B 157 -1.47 9.21 -15.43
C PRO B 157 -1.83 8.19 -16.53
N ALA B 158 -1.09 8.21 -17.62
CA ALA B 158 -1.26 7.25 -18.70
C ALA B 158 -1.19 5.82 -18.19
N ARG B 159 -1.99 4.93 -18.77
CA ARG B 159 -1.81 3.48 -18.63
C ARG B 159 -0.67 3.06 -19.55
N LEU B 160 -0.07 1.95 -19.23
CA LEU B 160 1.04 1.43 -20.01
C LEU B 160 0.57 0.20 -20.76
N ILE B 161 0.82 0.18 -22.05
CA ILE B 161 0.53 -0.99 -22.86
C ILE B 161 1.80 -1.71 -23.21
N VAL B 162 1.72 -3.04 -23.22
CA VAL B 162 2.88 -3.94 -23.47
C VAL B 162 2.43 -5.02 -24.46
N PHE B 163 3.09 -5.05 -25.61
CA PHE B 163 2.70 -5.95 -26.69
C PHE B 163 3.90 -6.48 -27.44
N PRO B 164 3.79 -7.69 -28.02
CA PRO B 164 4.83 -8.25 -28.89
C PRO B 164 4.60 -7.83 -30.33
N ASP B 165 5.57 -8.18 -31.18
CA ASP B 165 5.57 -7.80 -32.59
C ASP B 165 4.43 -8.46 -33.36
N LEU B 166 4.00 -7.80 -34.43
CA LEU B 166 2.87 -8.26 -35.23
C LEU B 166 2.92 -9.76 -35.58
N GLY B 167 4.07 -10.24 -36.03
CA GLY B 167 4.26 -11.66 -36.35
C GLY B 167 3.87 -12.62 -35.25
N VAL B 168 4.26 -12.29 -34.03
CA VAL B 168 3.91 -13.06 -32.84
C VAL B 168 2.41 -13.01 -32.56
N ARG B 169 1.82 -11.82 -32.70
CA ARG B 169 0.40 -11.64 -32.49
C ARG B 169 -0.41 -12.52 -33.43
N VAL B 170 0.01 -12.60 -34.70
CA VAL B 170 -0.62 -13.51 -35.66
C VAL B 170 -0.52 -14.98 -35.22
N CYS B 171 0.67 -15.38 -34.75
CA CYS B 171 0.89 -16.69 -34.13
C CYS B 171 0.06 -16.94 -32.88
N GLU B 172 -0.09 -15.96 -32.00
CA GLU B 172 -0.99 -16.12 -30.84
C GLU B 172 -2.42 -16.53 -31.29
N LYS B 173 -2.95 -15.82 -32.29
CA LYS B 173 -4.27 -16.13 -32.88
C LYS B 173 -4.36 -17.59 -33.35
N MET B 174 -3.41 -18.02 -34.17
CA MET B 174 -3.34 -19.42 -34.63
C MET B 174 -3.43 -20.42 -33.49
N ALA B 175 -2.62 -20.23 -32.45
CA ALA B 175 -2.58 -21.19 -31.32
C ALA B 175 -3.75 -21.12 -30.36
N LEU B 176 -4.27 -19.91 -30.15
CA LEU B 176 -5.08 -19.61 -28.98
C LEU B 176 -6.41 -18.87 -29.23
N TYR B 177 -6.73 -18.47 -30.46
CA TYR B 177 -7.96 -17.72 -30.67
C TYR B 177 -9.18 -18.55 -30.29
N ASP B 178 -9.20 -19.79 -30.76
CA ASP B 178 -10.31 -20.68 -30.44
C ASP B 178 -10.44 -20.96 -28.92
N VAL B 179 -9.32 -21.23 -28.26
CA VAL B 179 -9.26 -21.40 -26.79
C VAL B 179 -9.88 -20.18 -26.06
N VAL B 180 -9.32 -19.01 -26.34
CA VAL B 180 -9.70 -17.74 -25.71
C VAL B 180 -11.15 -17.34 -25.98
N SER B 181 -11.71 -17.81 -27.10
CA SER B 181 -13.10 -17.54 -27.50
C SER B 181 -14.10 -18.59 -26.98
N THR B 182 -13.63 -19.74 -26.51
CA THR B 182 -14.48 -20.89 -26.13
C THR B 182 -14.34 -21.34 -24.67
N LEU B 183 -13.11 -21.40 -24.17
CA LEU B 183 -12.85 -21.93 -22.87
C LEU B 183 -13.50 -21.20 -21.67
N PRO B 184 -13.49 -19.86 -21.66
CA PRO B 184 -14.07 -19.19 -20.47
C PRO B 184 -15.52 -19.57 -20.18
N GLN B 185 -16.35 -19.63 -21.20
CA GLN B 185 -17.74 -20.05 -21.01
C GLN B 185 -17.84 -21.53 -20.63
N ALA B 186 -16.99 -22.39 -21.20
CA ALA B 186 -16.98 -23.79 -20.80
C ALA B 186 -16.70 -23.91 -19.29
N VAL B 187 -15.78 -23.10 -18.79
CA VAL B 187 -15.33 -23.19 -17.41
C VAL B 187 -16.25 -22.51 -16.39
N MET B 188 -16.75 -21.33 -16.76
CA MET B 188 -17.43 -20.41 -15.82
C MET B 188 -18.93 -20.30 -16.05
N GLY B 189 -19.42 -20.80 -17.19
CA GLY B 189 -20.83 -20.83 -17.50
C GLY B 189 -21.40 -19.43 -17.50
N SER B 190 -22.49 -19.25 -16.77
CA SER B 190 -23.19 -17.96 -16.74
C SER B 190 -22.46 -16.82 -16.01
N SER B 191 -21.40 -17.15 -15.25
CA SER B 191 -20.52 -16.17 -14.65
C SER B 191 -19.67 -15.42 -15.65
N TYR B 192 -19.51 -15.97 -16.86
CA TYR B 192 -18.64 -15.33 -17.84
C TYR B 192 -19.34 -14.13 -18.50
N GLY B 193 -18.95 -12.92 -18.09
CA GLY B 193 -19.65 -11.70 -18.51
C GLY B 193 -19.70 -11.34 -19.98
N PHE B 194 -18.68 -11.73 -20.74
CA PHE B 194 -18.58 -11.31 -22.14
C PHE B 194 -19.51 -12.03 -23.10
N GLN B 195 -20.23 -13.06 -22.62
CA GLN B 195 -21.28 -13.71 -23.42
C GLN B 195 -22.59 -12.93 -23.50
N TYR B 196 -22.69 -11.84 -22.74
CA TYR B 196 -23.92 -11.07 -22.66
C TYR B 196 -23.88 -9.74 -23.43
N SER B 197 -24.91 -9.49 -24.22
CA SER B 197 -25.25 -8.12 -24.64
C SER B 197 -25.61 -7.28 -23.40
N PRO B 198 -25.68 -5.94 -23.54
CA PRO B 198 -26.07 -5.17 -22.36
C PRO B 198 -27.43 -5.62 -21.80
N LYS B 199 -28.40 -5.85 -22.67
CA LYS B 199 -29.74 -6.30 -22.30
C LYS B 199 -29.69 -7.66 -21.59
N GLN B 200 -28.87 -8.55 -22.11
CA GLN B 200 -28.70 -9.87 -21.48
C GLN B 200 -28.00 -9.77 -20.14
N ARG B 201 -27.07 -8.81 -20.01
CA ARG B 201 -26.32 -8.61 -18.76
C ARG B 201 -27.29 -8.16 -17.66
N VAL B 202 -28.13 -7.20 -18.01
CA VAL B 202 -29.23 -6.70 -17.15
C VAL B 202 -30.18 -7.84 -16.73
N GLU B 203 -30.58 -8.67 -17.68
CA GLU B 203 -31.47 -9.79 -17.41
C GLU B 203 -30.82 -10.75 -16.41
N PHE B 204 -29.56 -11.11 -16.62
CA PHE B 204 -28.81 -11.94 -15.67
C PHE B 204 -28.70 -11.33 -14.28
N LEU B 205 -28.38 -10.04 -14.23
CA LEU B 205 -28.22 -9.35 -12.94
C LEU B 205 -29.53 -9.21 -12.18
N VAL B 206 -30.60 -8.86 -12.88
CA VAL B 206 -31.91 -8.69 -12.26
C VAL B 206 -32.44 -10.05 -11.75
N ASN B 207 -32.35 -11.06 -12.60
CA ASN B 207 -32.80 -12.43 -12.28
C ASN B 207 -32.00 -12.94 -11.11
N THR B 208 -30.69 -12.70 -11.11
CA THR B 208 -29.83 -13.10 -9.97
C THR B 208 -30.27 -12.39 -8.68
N TRP B 209 -30.50 -11.09 -8.76
CA TRP B 209 -30.87 -10.27 -7.59
C TRP B 209 -32.18 -10.76 -6.97
N LYS B 210 -33.15 -10.97 -7.86
CA LYS B 210 -34.47 -11.41 -7.49
C LYS B 210 -34.50 -12.87 -7.02
N SER B 211 -33.48 -13.64 -7.39
CA SER B 211 -33.36 -15.03 -6.93
C SER B 211 -33.03 -15.21 -5.45
N LYS B 212 -32.56 -14.15 -4.78
CA LYS B 212 -32.20 -14.22 -3.36
C LYS B 212 -33.35 -13.76 -2.47
N LYS B 213 -33.57 -14.42 -1.34
CA LYS B 213 -34.54 -13.93 -0.33
C LYS B 213 -34.24 -12.51 0.09
N CYS B 214 -32.97 -12.24 0.43
CA CYS B 214 -32.60 -10.89 0.85
C CYS B 214 -31.21 -10.62 0.25
N PRO B 215 -31.18 -10.07 -0.97
CA PRO B 215 -29.92 -9.93 -1.70
C PRO B 215 -28.94 -8.90 -1.11
N MET B 216 -27.66 -9.21 -1.17
CA MET B 216 -26.57 -8.28 -0.93
C MET B 216 -25.65 -8.46 -2.10
N GLY B 217 -25.13 -7.35 -2.62
CA GLY B 217 -24.17 -7.43 -3.72
C GLY B 217 -23.00 -6.50 -3.50
N PHE B 218 -21.90 -6.82 -4.17
CA PHE B 218 -20.77 -5.90 -4.17
C PHE B 218 -19.93 -6.00 -5.42
N SER B 219 -19.36 -4.86 -5.81
CA SER B 219 -18.28 -4.87 -6.75
C SER B 219 -16.95 -5.01 -5.97
N TYR B 220 -15.94 -5.56 -6.64
CA TYR B 220 -14.61 -5.72 -6.06
C TYR B 220 -13.61 -5.22 -7.08
N ASP B 221 -12.91 -4.17 -6.71
CA ASP B 221 -11.96 -3.48 -7.57
C ASP B 221 -10.56 -3.88 -7.10
N THR B 222 -9.84 -4.66 -7.90
CA THR B 222 -8.48 -5.08 -7.56
C THR B 222 -7.56 -3.95 -8.01
N ARG B 223 -6.69 -3.49 -7.11
CA ARG B 223 -5.74 -2.45 -7.43
C ARG B 223 -4.71 -2.93 -8.49
N CYS B 224 -4.70 -2.29 -9.67
CA CYS B 224 -3.74 -2.58 -10.74
C CYS B 224 -3.68 -4.08 -11.03
N PHE B 225 -4.81 -4.65 -11.44
CA PHE B 225 -4.95 -6.11 -11.56
C PHE B 225 -3.78 -6.76 -12.33
N ASP B 226 -3.42 -6.20 -13.48
CA ASP B 226 -2.36 -6.83 -14.31
C ASP B 226 -1.05 -7.01 -13.56
N SER B 227 -0.67 -6.00 -12.78
CA SER B 227 0.51 -6.07 -11.93
C SER B 227 0.43 -7.10 -10.81
N THR B 228 -0.78 -7.45 -10.37
CA THR B 228 -0.96 -8.44 -9.31
C THR B 228 -0.87 -9.87 -9.80
N VAL B 229 -0.95 -10.08 -11.10
CA VAL B 229 -0.89 -11.40 -11.69
C VAL B 229 0.52 -11.94 -11.62
N THR B 230 0.69 -13.09 -10.96
CA THR B 230 2.02 -13.63 -10.71
C THR B 230 2.46 -14.64 -11.76
N GLU B 231 3.71 -15.06 -11.70
CA GLU B 231 4.16 -16.13 -12.58
C GLU B 231 3.34 -17.42 -12.34
N SER B 232 3.10 -17.75 -11.07
CA SER B 232 2.27 -18.89 -10.71
C SER B 232 0.89 -18.76 -11.34
N ASP B 233 0.28 -17.56 -11.34
CA ASP B 233 -1.03 -17.38 -11.92
C ASP B 233 -1.04 -17.71 -13.39
N ILE B 234 0.00 -17.28 -14.08
CA ILE B 234 0.08 -17.45 -15.54
C ILE B 234 0.35 -18.93 -15.91
N ARG B 235 1.15 -19.60 -15.12
CA ARG B 235 1.32 -21.07 -15.29
C ARG B 235 0.03 -21.83 -14.95
N VAL B 236 -0.68 -21.37 -13.94
CA VAL B 236 -2.02 -21.98 -13.61
C VAL B 236 -3.00 -21.81 -14.77
N GLU B 237 -3.04 -20.61 -15.31
CA GLU B 237 -3.79 -20.34 -16.48
C GLU B 237 -3.43 -21.30 -17.64
N GLU B 238 -2.14 -21.49 -17.90
CA GLU B 238 -1.72 -22.45 -18.91
C GLU B 238 -2.22 -23.86 -18.58
N SER B 239 -2.17 -24.23 -17.32
CA SER B 239 -2.63 -25.56 -16.86
C SER B 239 -4.11 -25.79 -17.18
N ILE B 240 -4.91 -24.72 -17.19
CA ILE B 240 -6.28 -24.81 -17.63
C ILE B 240 -6.37 -25.06 -19.15
N TYR B 241 -5.66 -24.25 -19.90
CA TYR B 241 -5.59 -24.36 -21.35
C TYR B 241 -5.16 -25.73 -21.83
N GLN B 242 -4.20 -26.32 -21.10
CA GLN B 242 -3.60 -27.61 -21.47
C GLN B 242 -4.61 -28.78 -21.27
N CYS B 243 -5.69 -28.54 -20.54
CA CYS B 243 -6.80 -29.53 -20.46
C CYS B 243 -7.61 -29.65 -21.74
N CYS B 244 -7.52 -28.65 -22.62
CA CYS B 244 -8.18 -28.75 -23.94
C CYS B 244 -7.58 -29.86 -24.77
N ASP B 245 -8.39 -30.48 -25.62
CA ASP B 245 -7.85 -31.24 -26.72
C ASP B 245 -7.22 -30.25 -27.72
N LEU B 246 -5.96 -30.47 -28.06
CA LEU B 246 -5.17 -29.52 -28.85
C LEU B 246 -4.31 -30.23 -29.85
N ALA B 247 -4.17 -29.64 -31.03
CA ALA B 247 -3.22 -30.10 -31.99
C ALA B 247 -1.80 -30.03 -31.35
N PRO B 248 -0.92 -30.99 -31.64
CA PRO B 248 0.43 -30.99 -31.07
C PRO B 248 1.16 -29.65 -31.23
N GLU B 249 1.10 -29.05 -32.41
CA GLU B 249 1.71 -27.74 -32.61
C GLU B 249 1.05 -26.63 -31.77
N ALA B 250 -0.26 -26.73 -31.53
CA ALA B 250 -0.93 -25.74 -30.68
C ALA B 250 -0.46 -25.92 -29.26
N ARG B 251 -0.29 -27.18 -28.86
CA ARG B 251 0.13 -27.47 -27.50
C ARG B 251 1.54 -26.91 -27.23
N GLN B 252 2.45 -27.14 -28.15
CA GLN B 252 3.78 -26.57 -28.05
C GLN B 252 3.76 -25.04 -28.14
N ALA B 253 2.95 -24.49 -29.04
CA ALA B 253 2.90 -23.01 -29.16
C ALA B 253 2.43 -22.37 -27.84
N ILE B 254 1.48 -23.01 -27.15
CA ILE B 254 0.97 -22.48 -25.91
C ILE B 254 2.02 -22.56 -24.80
N ARG B 255 2.75 -23.69 -24.74
CA ARG B 255 3.83 -23.89 -23.80
C ARG B 255 4.91 -22.82 -23.97
N SER B 256 5.34 -22.66 -25.22
CA SER B 256 6.40 -21.71 -25.59
C SER B 256 5.94 -20.26 -25.41
N LEU B 257 4.72 -19.94 -25.86
CA LEU B 257 4.16 -18.60 -25.60
C LEU B 257 4.06 -18.31 -24.11
N THR B 258 3.65 -19.30 -23.31
CA THR B 258 3.63 -19.10 -21.88
C THR B 258 4.99 -18.77 -21.27
N GLU B 259 6.00 -19.57 -21.59
CA GLU B 259 7.32 -19.38 -21.02
C GLU B 259 8.06 -18.16 -21.58
N ARG B 260 7.86 -17.87 -22.86
CA ARG B 260 8.65 -16.85 -23.54
C ARG B 260 7.99 -15.48 -23.55
N LEU B 261 6.68 -15.43 -23.34
CA LEU B 261 5.90 -14.22 -23.49
C LEU B 261 4.96 -13.94 -22.34
N TYR B 262 4.04 -14.85 -22.03
CA TYR B 262 3.00 -14.54 -21.05
C TYR B 262 3.54 -14.35 -19.63
N ILE B 263 4.49 -15.19 -19.17
CA ILE B 263 5.01 -15.05 -17.79
C ILE B 263 5.83 -13.78 -17.55
N GLY B 264 6.39 -13.23 -18.63
CA GLY B 264 7.27 -12.08 -18.54
C GLY B 264 8.22 -11.95 -19.70
N GLY B 265 9.06 -10.92 -19.64
CA GLY B 265 10.04 -10.68 -20.68
C GLY B 265 10.56 -9.27 -20.74
N PRO B 266 11.53 -9.01 -21.64
CA PRO B 266 12.07 -7.66 -21.71
C PRO B 266 11.08 -6.61 -22.27
N LEU B 267 11.26 -5.36 -21.85
CA LEU B 267 10.48 -4.22 -22.30
C LEU B 267 11.41 -3.28 -23.07
N THR B 268 10.98 -2.88 -24.25
CA THR B 268 11.73 -2.04 -25.15
C THR B 268 10.86 -0.82 -25.44
N ASN B 269 11.44 0.38 -25.46
CA ASN B 269 10.69 1.57 -25.82
C ASN B 269 10.63 1.76 -27.34
N SER B 270 9.92 2.80 -27.77
CA SER B 270 9.79 3.15 -29.17
C SER B 270 11.12 3.53 -29.83
N LYS B 271 12.09 3.99 -29.05
CA LYS B 271 13.45 4.23 -29.53
C LYS B 271 14.34 2.99 -29.58
N GLY B 272 13.81 1.83 -29.15
CA GLY B 272 14.61 0.60 -29.18
C GLY B 272 15.54 0.40 -27.99
N GLN B 273 15.34 1.18 -26.94
CA GLN B 273 16.15 1.07 -25.71
C GLN B 273 15.50 0.10 -24.76
N ASN B 274 16.33 -0.60 -24.02
CA ASN B 274 15.88 -1.50 -22.98
C ASN B 274 15.40 -0.72 -21.76
N CYS B 275 14.10 -0.80 -21.53
CA CYS B 275 13.40 -0.13 -20.43
C CYS B 275 13.35 -0.92 -19.16
N GLY B 276 13.43 -2.26 -19.25
CA GLY B 276 13.40 -3.12 -18.08
C GLY B 276 12.77 -4.47 -18.36
N TYR B 277 12.10 -5.02 -17.34
CA TYR B 277 11.66 -6.41 -17.37
C TYR B 277 10.31 -6.59 -16.64
N ARG B 278 9.41 -7.34 -17.28
CA ARG B 278 8.04 -7.58 -16.81
C ARG B 278 7.95 -9.00 -16.23
N ARG B 279 7.35 -9.14 -15.05
CA ARG B 279 7.00 -10.44 -14.46
C ARG B 279 5.53 -10.52 -14.04
N CYS B 280 4.67 -9.93 -14.86
CA CYS B 280 3.24 -9.89 -14.62
C CYS B 280 2.52 -9.93 -15.97
N ARG B 281 1.21 -9.77 -15.94
CA ARG B 281 0.41 -9.76 -17.15
C ARG B 281 0.79 -8.65 -18.10
N ALA B 282 1.00 -8.97 -19.37
CA ALA B 282 1.09 -7.94 -20.41
C ALA B 282 -0.31 -7.54 -20.83
N SER B 283 -0.55 -6.23 -20.99
CA SER B 283 -1.89 -5.73 -21.35
C SER B 283 -2.24 -6.08 -22.75
N GLY B 284 -1.24 -6.26 -23.61
CA GLY B 284 -1.44 -6.34 -25.04
C GLY B 284 -1.14 -7.67 -25.66
N VAL B 285 -1.58 -8.74 -25.03
CA VAL B 285 -1.49 -10.06 -25.64
C VAL B 285 -2.90 -10.66 -25.74
N LEU B 286 -3.01 -11.70 -26.56
CA LEU B 286 -4.31 -12.30 -26.89
C LEU B 286 -5.02 -12.86 -25.65
N THR B 287 -4.24 -13.46 -24.76
CA THR B 287 -4.78 -14.12 -23.57
C THR B 287 -5.04 -13.15 -22.40
N THR B 288 -4.91 -11.83 -22.58
CA THR B 288 -5.10 -10.93 -21.45
C THR B 288 -6.52 -11.00 -20.87
N SER B 289 -7.53 -10.94 -21.71
CA SER B 289 -8.94 -10.90 -21.23
C SER B 289 -9.34 -12.29 -20.66
N CYS B 290 -9.06 -13.35 -21.41
CA CYS B 290 -9.33 -14.73 -20.94
C CYS B 290 -8.58 -15.04 -19.65
N GLY B 291 -7.29 -14.74 -19.64
CA GLY B 291 -6.43 -14.98 -18.49
C GLY B 291 -6.86 -14.21 -17.27
N ASN B 292 -7.18 -12.91 -17.45
CA ASN B 292 -7.64 -12.11 -16.33
C ASN B 292 -8.97 -12.64 -15.81
N THR B 293 -9.86 -12.98 -16.71
CA THR B 293 -11.19 -13.52 -16.31
C THR B 293 -11.06 -14.82 -15.49
N LEU B 294 -10.23 -15.73 -15.97
CA LEU B 294 -10.04 -17.03 -15.31
C LEU B 294 -9.42 -16.84 -13.95
N THR B 295 -8.43 -15.97 -13.89
CA THR B 295 -7.71 -15.69 -12.65
C THR B 295 -8.55 -14.99 -11.60
N CYS B 296 -9.33 -14.01 -12.05
CA CYS B 296 -10.20 -13.28 -11.17
C CYS B 296 -11.30 -14.20 -10.61
N TYR B 297 -11.86 -15.01 -11.49
CA TYR B 297 -12.90 -15.99 -11.12
C TYR B 297 -12.40 -17.04 -10.12
N LEU B 298 -11.20 -17.58 -10.38
CA LEU B 298 -10.58 -18.53 -9.49
C LEU B 298 -10.37 -17.96 -8.09
N LYS B 299 -9.69 -16.81 -8.02
CA LYS B 299 -9.41 -16.18 -6.76
C LYS B 299 -10.69 -15.83 -6.01
N ALA B 300 -11.66 -15.26 -6.71
CA ALA B 300 -12.88 -14.77 -6.10
C ALA B 300 -13.76 -15.93 -5.60
N THR B 301 -13.85 -17.00 -6.39
CA THR B 301 -14.68 -18.19 -6.01
C THR B 301 -14.10 -18.80 -4.72
N ALA B 302 -12.78 -18.97 -4.67
CA ALA B 302 -12.07 -19.48 -3.47
C ALA B 302 -12.24 -18.55 -2.30
N ALA B 303 -12.15 -17.24 -2.56
CA ALA B 303 -12.31 -16.25 -1.50
C ALA B 303 -13.73 -16.25 -0.95
N CYS B 304 -14.74 -16.43 -1.80
CA CYS B 304 -16.12 -16.55 -1.30
C CYS B 304 -16.27 -17.72 -0.31
N ARG B 305 -15.61 -18.82 -0.59
CA ARG B 305 -15.60 -19.99 0.32
C ARG B 305 -14.91 -19.68 1.65
N ALA B 306 -13.75 -19.02 1.61
CA ALA B 306 -13.08 -18.58 2.83
C ALA B 306 -13.92 -17.66 3.69
N ALA B 307 -14.64 -16.76 3.06
CA ALA B 307 -15.43 -15.75 3.75
C ALA B 307 -16.76 -16.29 4.24
N LYS B 308 -17.14 -17.46 3.74
CA LYS B 308 -18.40 -18.11 4.07
C LYS B 308 -19.62 -17.27 3.61
N LEU B 309 -19.43 -16.57 2.49
CA LEU B 309 -20.53 -15.89 1.83
C LEU B 309 -21.53 -16.95 1.31
N GLN B 310 -22.82 -16.69 1.49
CA GLN B 310 -23.87 -17.68 1.21
C GLN B 310 -24.54 -17.51 -0.14
N ASP B 311 -24.56 -18.60 -0.92
CA ASP B 311 -25.33 -18.66 -2.17
C ASP B 311 -24.83 -17.57 -3.13
N CYS B 312 -23.53 -17.54 -3.35
CA CYS B 312 -22.88 -16.56 -4.20
C CYS B 312 -23.17 -16.83 -5.65
N THR B 313 -23.50 -15.77 -6.38
CA THR B 313 -23.53 -15.78 -7.83
C THR B 313 -22.56 -14.69 -8.26
N MET B 314 -21.58 -15.03 -9.08
CA MET B 314 -20.68 -14.02 -9.61
C MET B 314 -20.74 -13.78 -11.12
N LEU B 315 -20.29 -12.58 -11.50
CA LEU B 315 -20.24 -12.16 -12.87
C LEU B 315 -18.89 -11.48 -13.06
N VAL B 316 -18.08 -12.03 -13.97
CA VAL B 316 -16.68 -11.71 -14.10
C VAL B 316 -16.45 -11.31 -15.56
N ASN B 317 -15.85 -10.14 -15.75
CA ASN B 317 -15.48 -9.63 -17.06
C ASN B 317 -14.01 -9.20 -16.93
N GLY B 318 -13.06 -10.05 -17.30
CA GLY B 318 -11.64 -9.70 -17.08
C GLY B 318 -11.35 -9.47 -15.61
N ASP B 319 -10.80 -8.29 -15.28
CA ASP B 319 -10.52 -7.93 -13.86
C ASP B 319 -11.70 -7.35 -13.07
N ASP B 320 -12.84 -7.28 -13.71
CA ASP B 320 -14.04 -6.67 -13.16
C ASP B 320 -14.92 -7.76 -12.58
N LEU B 321 -15.29 -7.63 -11.31
CA LEU B 321 -15.99 -8.65 -10.56
C LEU B 321 -17.19 -8.04 -9.85
N VAL B 322 -18.32 -8.71 -9.94
CA VAL B 322 -19.46 -8.46 -9.09
C VAL B 322 -19.98 -9.78 -8.48
N VAL B 323 -20.35 -9.71 -7.20
CA VAL B 323 -20.94 -10.84 -6.46
C VAL B 323 -22.28 -10.48 -5.86
N ILE B 324 -23.25 -11.35 -6.07
CA ILE B 324 -24.56 -11.21 -5.44
C ILE B 324 -24.78 -12.48 -4.62
N CYS B 325 -25.17 -12.28 -3.37
CA CYS B 325 -25.33 -13.36 -2.41
C CYS B 325 -26.53 -13.15 -1.47
N GLU B 326 -26.75 -14.11 -0.57
CA GLU B 326 -27.84 -14.06 0.39
C GLU B 326 -27.33 -13.35 1.62
N SER B 327 -27.99 -12.27 2.01
CA SER B 327 -27.57 -11.51 3.20
C SER B 327 -27.72 -12.30 4.50
N ALA B 328 -26.75 -12.16 5.38
CA ALA B 328 -26.83 -12.72 6.73
C ALA B 328 -27.13 -11.65 7.76
N GLY B 329 -27.49 -10.45 7.31
CA GLY B 329 -27.70 -9.30 8.19
C GLY B 329 -26.58 -8.33 7.93
N THR B 330 -26.75 -7.08 8.35
CA THR B 330 -25.82 -6.02 7.92
C THR B 330 -24.41 -6.14 8.56
N GLN B 331 -24.35 -6.40 9.86
CA GLN B 331 -23.09 -6.60 10.58
C GLN B 331 -22.32 -7.80 10.04
N GLU B 332 -23.02 -8.91 9.85
CA GLU B 332 -22.34 -10.13 9.45
C GLU B 332 -21.95 -10.08 7.97
N ASP B 333 -22.69 -9.33 7.14
CA ASP B 333 -22.28 -9.11 5.74
C ASP B 333 -21.00 -8.26 5.69
N ALA B 334 -20.95 -7.19 6.50
CA ALA B 334 -19.77 -6.35 6.58
C ALA B 334 -18.54 -7.18 6.95
N ALA B 335 -18.70 -8.03 7.97
CA ALA B 335 -17.65 -8.93 8.43
C ALA B 335 -17.20 -9.93 7.36
N ALA B 336 -18.17 -10.48 6.63
CA ALA B 336 -17.89 -11.51 5.61
C ALA B 336 -17.19 -10.88 4.43
N LEU B 337 -17.61 -9.68 4.07
CA LEU B 337 -16.91 -8.97 2.99
C LEU B 337 -15.46 -8.63 3.40
N ARG B 338 -15.22 -8.25 4.65
CA ARG B 338 -13.86 -7.96 5.09
C ARG B 338 -13.01 -9.26 5.00
N ALA B 339 -13.60 -10.41 5.36
CA ALA B 339 -12.95 -11.73 5.25
C ALA B 339 -12.63 -12.10 3.81
N PHE B 340 -13.57 -11.83 2.90
CA PHE B 340 -13.37 -12.00 1.45
C PHE B 340 -12.19 -11.19 0.92
N THR B 341 -12.12 -9.93 1.33
CA THR B 341 -10.99 -9.09 0.92
C THR B 341 -9.64 -9.62 1.44
N GLU B 342 -9.60 -10.05 2.70
CA GLU B 342 -8.35 -10.66 3.23
C GLU B 342 -7.90 -11.90 2.44
N ALA B 343 -8.86 -12.69 1.95
CA ALA B 343 -8.57 -13.90 1.17
C ALA B 343 -8.05 -13.54 -0.23
N MET B 344 -8.70 -12.57 -0.86
CA MET B 344 -8.22 -12.06 -2.15
C MET B 344 -6.83 -11.47 -2.02
N THR B 345 -6.59 -10.78 -0.90
CA THR B 345 -5.28 -10.15 -0.65
C THR B 345 -4.17 -11.25 -0.57
N ARG B 346 -4.46 -12.35 0.12
CA ARG B 346 -3.50 -13.49 0.19
C ARG B 346 -3.21 -14.09 -1.16
N TYR B 347 -4.22 -14.09 -2.03
CA TYR B 347 -4.12 -14.57 -3.39
C TYR B 347 -3.46 -13.59 -4.37
N SER B 348 -2.96 -12.46 -3.85
CA SER B 348 -2.39 -11.33 -4.57
C SER B 348 -3.46 -10.62 -5.40
N ALA B 349 -4.55 -10.22 -4.77
CA ALA B 349 -5.50 -9.33 -5.43
C ALA B 349 -6.10 -8.40 -4.37
N PRO B 350 -5.23 -7.58 -3.74
CA PRO B 350 -5.73 -6.69 -2.74
C PRO B 350 -6.60 -5.62 -3.44
N PRO B 351 -7.46 -4.95 -2.70
CA PRO B 351 -8.41 -4.03 -3.32
C PRO B 351 -7.83 -2.62 -3.55
N GLY B 352 -8.37 -1.92 -4.52
CA GLY B 352 -8.15 -0.48 -4.62
C GLY B 352 -9.12 0.22 -3.70
N ASP B 353 -10.31 0.51 -4.21
CA ASP B 353 -11.41 0.96 -3.36
C ASP B 353 -11.79 -0.24 -2.49
N PRO B 354 -11.76 -0.13 -1.13
CA PRO B 354 -12.24 -1.28 -0.34
C PRO B 354 -13.74 -1.51 -0.63
N PRO B 355 -14.17 -2.76 -0.79
CA PRO B 355 -15.52 -3.00 -1.27
C PRO B 355 -16.54 -2.70 -0.21
N GLN B 356 -17.77 -2.43 -0.63
CA GLN B 356 -18.85 -2.11 0.31
C GLN B 356 -20.11 -2.93 -0.03
N PRO B 357 -20.76 -3.51 0.98
CA PRO B 357 -21.98 -4.28 0.72
C PRO B 357 -23.06 -3.32 0.22
N GLU B 358 -23.86 -3.73 -0.75
CA GLU B 358 -24.91 -2.85 -1.30
C GLU B 358 -26.20 -3.63 -1.24
N TYR B 359 -27.31 -2.98 -0.90
CA TYR B 359 -28.61 -3.65 -0.80
C TYR B 359 -29.63 -3.10 -1.82
N ASP B 360 -29.15 -2.32 -2.76
CA ASP B 360 -29.94 -1.72 -3.81
C ASP B 360 -29.19 -2.03 -5.08
N LEU B 361 -29.80 -2.79 -6.00
CA LEU B 361 -29.12 -3.22 -7.24
C LEU B 361 -28.59 -2.05 -8.09
N GLU B 362 -29.34 -0.93 -8.09
CA GLU B 362 -29.02 0.26 -8.90
C GLU B 362 -27.69 0.85 -8.50
N LEU B 363 -27.31 0.69 -7.24
CA LEU B 363 -26.10 1.29 -6.69
C LEU B 363 -24.84 0.46 -6.87
N ILE B 364 -24.96 -0.72 -7.47
CA ILE B 364 -23.79 -1.56 -7.73
C ILE B 364 -23.28 -1.22 -9.11
N THR B 365 -22.05 -0.69 -9.17
CA THR B 365 -21.39 -0.41 -10.45
C THR B 365 -20.45 -1.57 -10.80
N SER B 366 -20.71 -2.21 -11.94
CA SER B 366 -19.83 -3.27 -12.46
C SER B 366 -19.65 -3.11 -13.97
N CYS B 367 -18.42 -3.28 -14.45
CA CYS B 367 -18.03 -2.89 -15.84
C CYS B 367 -18.33 -1.44 -16.13
N SER B 368 -18.03 -0.60 -15.14
CA SER B 368 -18.35 0.82 -15.17
C SER B 368 -19.83 1.14 -15.44
N SER B 369 -20.73 0.18 -15.21
CA SER B 369 -22.15 0.35 -15.54
C SER B 369 -23.02 -0.09 -14.37
N ASN B 370 -24.27 0.29 -14.46
CA ASN B 370 -25.26 -0.14 -13.50
C ASN B 370 -26.62 -0.33 -14.16
N VAL B 371 -27.44 -1.17 -13.52
CA VAL B 371 -28.82 -1.36 -13.90
C VAL B 371 -29.61 -0.16 -13.38
N SER B 372 -30.46 0.40 -14.21
CA SER B 372 -31.47 1.37 -13.78
C SER B 372 -32.81 1.00 -14.44
N VAL B 373 -33.87 1.74 -14.13
CA VAL B 373 -35.23 1.43 -14.64
C VAL B 373 -35.88 2.62 -15.35
N ALA B 374 -36.56 2.36 -16.46
CA ALA B 374 -37.42 3.35 -17.11
C ALA B 374 -38.75 2.71 -17.49
N HIS B 375 -39.56 3.38 -18.31
CA HIS B 375 -40.82 2.83 -18.78
C HIS B 375 -40.88 2.98 -20.30
N ASP B 376 -41.51 2.03 -20.99
CA ASP B 376 -41.70 2.10 -22.45
C ASP B 376 -42.98 2.86 -22.80
N ALA B 377 -43.34 2.90 -24.08
CA ALA B 377 -44.53 3.63 -24.56
C ALA B 377 -45.85 3.25 -23.87
N SER B 378 -45.97 1.99 -23.44
CA SER B 378 -47.17 1.51 -22.74
C SER B 378 -47.11 1.65 -21.20
N GLY B 379 -46.02 2.20 -20.69
CA GLY B 379 -45.79 2.34 -19.25
C GLY B 379 -45.22 1.13 -18.53
N LYS B 380 -44.80 0.09 -19.27
CA LYS B 380 -44.20 -1.10 -18.65
C LYS B 380 -42.80 -0.80 -18.13
N ARG B 381 -42.46 -1.29 -16.94
CA ARG B 381 -41.10 -1.16 -16.38
C ARG B 381 -40.08 -1.88 -17.27
N VAL B 382 -39.05 -1.15 -17.70
CA VAL B 382 -37.95 -1.71 -18.47
C VAL B 382 -36.63 -1.44 -17.72
N TYR B 383 -35.87 -2.52 -17.46
CA TYR B 383 -34.54 -2.42 -16.89
C TYR B 383 -33.53 -2.25 -18.03
N TYR B 384 -32.49 -1.46 -17.80
CA TYR B 384 -31.50 -1.19 -18.83
C TYR B 384 -30.18 -0.81 -18.20
N LEU B 385 -29.11 -0.90 -18.99
CA LEU B 385 -27.78 -0.63 -18.52
C LEU B 385 -27.38 0.79 -18.89
N THR B 386 -26.86 1.52 -17.91
CA THR B 386 -26.42 2.91 -18.07
C THR B 386 -25.09 3.07 -17.32
N ARG B 387 -24.55 4.28 -17.36
CA ARG B 387 -23.34 4.64 -16.61
C ARG B 387 -23.23 6.12 -16.46
N ASP B 388 -22.35 6.54 -15.56
CA ASP B 388 -21.97 7.93 -15.52
C ASP B 388 -21.51 8.34 -16.93
N PRO B 389 -22.09 9.41 -17.50
CA PRO B 389 -21.76 9.76 -18.90
C PRO B 389 -20.51 10.62 -19.13
N THR B 390 -19.78 10.95 -18.07
CA THR B 390 -18.69 11.93 -18.13
C THR B 390 -17.62 11.51 -19.15
N THR B 391 -17.05 10.31 -18.99
CA THR B 391 -15.98 9.84 -19.89
C THR B 391 -16.48 9.66 -21.33
N PRO B 392 -17.65 9.01 -21.53
CA PRO B 392 -18.20 8.99 -22.89
C PRO B 392 -18.32 10.35 -23.56
N LEU B 393 -18.84 11.33 -22.84
CA LEU B 393 -18.97 12.66 -23.39
C LEU B 393 -17.64 13.39 -23.63
N ALA B 394 -16.71 13.24 -22.73
CA ALA B 394 -15.38 13.83 -22.90
C ALA B 394 -14.69 13.25 -24.15
N ARG B 395 -14.79 11.95 -24.33
CA ARG B 395 -14.18 11.26 -25.48
C ARG B 395 -14.90 11.62 -26.79
N ALA B 396 -16.22 11.78 -26.71
CA ALA B 396 -16.97 12.25 -27.88
C ALA B 396 -16.53 13.64 -28.36
N ALA B 397 -16.28 14.53 -27.41
CA ALA B 397 -15.84 15.87 -27.76
C ALA B 397 -14.45 15.81 -28.41
N TRP B 398 -13.58 14.98 -27.86
CA TRP B 398 -12.25 14.81 -28.43
C TRP B 398 -12.33 14.32 -29.86
N GLU B 399 -13.10 13.26 -30.05
CA GLU B 399 -13.25 12.64 -31.37
C GLU B 399 -13.97 13.50 -32.38
N THR B 400 -14.70 14.53 -31.95
CA THR B 400 -15.29 15.49 -32.85
C THR B 400 -14.24 16.46 -33.41
N ALA B 401 -13.28 16.88 -32.57
CA ALA B 401 -12.20 17.79 -32.99
C ALA B 401 -11.05 17.06 -33.69
N ARG B 402 -10.76 15.83 -33.27
CA ARG B 402 -9.59 15.10 -33.78
C ARG B 402 -10.04 13.81 -34.44
N HIS B 403 -9.47 13.49 -35.59
CA HIS B 403 -9.66 12.16 -36.20
C HIS B 403 -8.97 11.15 -35.30
N THR B 404 -9.66 10.08 -34.95
CA THR B 404 -9.09 9.04 -34.09
C THR B 404 -9.33 7.68 -34.73
N PRO B 405 -8.45 6.70 -34.45
CA PRO B 405 -8.67 5.37 -35.04
C PRO B 405 -10.01 4.76 -34.62
N ILE B 406 -10.26 4.77 -33.31
CA ILE B 406 -11.48 4.21 -32.72
C ILE B 406 -12.44 5.33 -32.35
N ASN B 407 -13.72 5.08 -32.63
CA ASN B 407 -14.78 6.06 -32.36
C ASN B 407 -15.58 5.55 -31.17
N SER B 408 -15.11 5.89 -29.97
CA SER B 408 -15.79 5.46 -28.74
C SER B 408 -17.26 5.87 -28.74
N TRP B 409 -17.57 7.02 -29.34
CA TRP B 409 -18.97 7.47 -29.45
C TRP B 409 -19.91 6.46 -30.12
N LEU B 410 -19.43 5.80 -31.17
CA LEU B 410 -20.25 4.83 -31.86
C LEU B 410 -20.51 3.59 -30.99
N GLY B 411 -19.47 3.09 -30.35
CA GLY B 411 -19.59 2.00 -29.36
C GLY B 411 -20.52 2.36 -28.20
N ASN B 412 -20.45 3.61 -27.74
CA ASN B 412 -21.29 4.05 -26.65
C ASN B 412 -22.76 4.14 -27.08
N ILE B 413 -23.02 4.51 -28.33
CA ILE B 413 -24.40 4.56 -28.84
C ILE B 413 -24.94 3.13 -28.87
N ILE B 414 -24.16 2.21 -29.41
CA ILE B 414 -24.57 0.81 -29.48
C ILE B 414 -24.82 0.18 -28.08
N MET B 415 -23.88 0.37 -27.17
CA MET B 415 -23.97 -0.22 -25.84
C MET B 415 -24.97 0.46 -24.88
N TYR B 416 -25.12 1.78 -25.02
CA TYR B 416 -25.99 2.60 -24.15
C TYR B 416 -27.15 3.27 -24.87
N ALA B 417 -27.58 2.68 -26.00
CA ALA B 417 -28.69 3.23 -26.79
C ALA B 417 -29.96 3.63 -26.02
N PRO B 418 -30.38 2.84 -25.01
CA PRO B 418 -31.60 3.21 -24.27
C PRO B 418 -31.47 4.38 -23.29
N THR B 419 -30.25 4.84 -23.02
CA THR B 419 -30.02 5.83 -21.96
C THR B 419 -30.45 7.24 -22.37
N LEU B 420 -30.83 8.01 -21.37
CA LEU B 420 -31.25 9.43 -21.56
C LEU B 420 -30.16 10.24 -22.32
N TRP B 421 -28.94 10.07 -21.85
CA TRP B 421 -27.75 10.78 -22.37
C TRP B 421 -27.23 10.37 -23.76
N ALA B 422 -27.23 9.08 -24.06
CA ALA B 422 -26.80 8.63 -25.39
C ALA B 422 -27.78 9.05 -26.47
N ARG B 423 -29.06 9.06 -26.11
CA ARG B 423 -30.13 9.46 -27.01
C ARG B 423 -30.15 10.98 -27.23
N MET B 424 -30.18 11.73 -26.14
CA MET B 424 -30.28 13.20 -26.23
C MET B 424 -29.05 13.81 -26.91
N ILE B 425 -27.87 13.37 -26.51
CA ILE B 425 -26.59 14.03 -26.91
C ILE B 425 -25.86 13.30 -28.03
N LEU B 426 -25.40 12.08 -27.81
CA LEU B 426 -24.58 11.39 -28.80
C LEU B 426 -25.27 11.19 -30.15
N MET B 427 -26.47 10.62 -30.15
CA MET B 427 -27.19 10.44 -31.41
C MET B 427 -27.39 11.78 -32.15
N THR B 428 -27.95 12.76 -31.45
CA THR B 428 -28.20 14.11 -32.01
C THR B 428 -26.92 14.71 -32.58
N HIS B 429 -25.87 14.73 -31.78
CA HIS B 429 -24.60 15.36 -32.14
C HIS B 429 -23.98 14.72 -33.39
N PHE B 430 -23.80 13.40 -33.38
CA PHE B 430 -23.06 12.74 -34.44
C PHE B 430 -23.82 12.59 -35.75
N PHE B 431 -25.12 12.37 -35.70
CA PHE B 431 -25.90 12.33 -36.93
C PHE B 431 -25.97 13.69 -37.65
N SER B 432 -26.10 14.77 -36.88
CA SER B 432 -26.09 16.12 -37.45
C SER B 432 -24.74 16.43 -38.11
N ILE B 433 -23.65 16.01 -37.48
CA ILE B 433 -22.33 16.20 -38.06
C ILE B 433 -22.13 15.34 -39.31
N LEU B 434 -22.48 14.06 -39.21
CA LEU B 434 -22.31 13.15 -40.35
C LEU B 434 -23.18 13.54 -41.54
N LEU B 435 -24.41 13.95 -41.26
CA LEU B 435 -25.32 14.40 -42.27
C LEU B 435 -24.74 15.65 -42.95
N ALA B 436 -24.37 16.65 -42.15
CA ALA B 436 -23.72 17.88 -42.64
C ALA B 436 -22.45 17.56 -43.41
N GLN B 437 -21.58 16.75 -42.84
CA GLN B 437 -20.35 16.34 -43.54
C GLN B 437 -20.58 15.41 -44.75
N GLU B 438 -21.82 14.98 -44.97
CA GLU B 438 -22.21 14.15 -46.13
C GLU B 438 -21.46 12.82 -46.11
N GLN B 439 -21.59 12.12 -44.98
CA GLN B 439 -20.82 10.90 -44.67
C GLN B 439 -21.60 9.84 -43.87
N LEU B 440 -22.92 9.82 -44.03
CA LEU B 440 -23.73 8.86 -43.28
C LEU B 440 -23.37 7.41 -43.62
N GLU B 441 -23.04 7.16 -44.89
CA GLU B 441 -22.81 5.80 -45.39
C GLU B 441 -21.40 5.24 -45.17
N LYS B 442 -20.47 6.03 -44.63
CA LYS B 442 -19.10 5.59 -44.47
C LYS B 442 -19.00 4.76 -43.19
N ALA B 443 -18.44 3.56 -43.29
CA ALA B 443 -18.33 2.65 -42.15
C ALA B 443 -17.22 3.12 -41.26
N LEU B 444 -17.46 3.12 -39.94
CA LEU B 444 -16.50 3.58 -38.94
C LEU B 444 -16.13 2.47 -37.98
N ASP B 445 -14.92 2.54 -37.45
CA ASP B 445 -14.42 1.57 -36.51
C ASP B 445 -14.81 1.98 -35.08
N CYS B 446 -15.30 1.02 -34.31
CA CYS B 446 -15.44 1.17 -32.87
C CYS B 446 -15.06 -0.14 -32.20
N GLN B 447 -15.05 -0.14 -30.87
CA GLN B 447 -14.70 -1.31 -30.07
C GLN B 447 -15.92 -1.81 -29.31
N ILE B 448 -16.06 -3.13 -29.25
CA ILE B 448 -17.04 -3.77 -28.39
C ILE B 448 -16.32 -4.94 -27.71
N TYR B 449 -16.26 -4.90 -26.39
CA TYR B 449 -15.52 -5.83 -25.56
C TYR B 449 -14.08 -6.06 -26.04
N GLY B 450 -13.44 -4.99 -26.45
CA GLY B 450 -12.04 -5.05 -26.84
C GLY B 450 -11.75 -5.32 -28.31
N ALA B 451 -12.76 -5.82 -29.03
CA ALA B 451 -12.65 -6.13 -30.45
C ALA B 451 -13.11 -4.98 -31.32
N CYS B 452 -12.36 -4.75 -32.40
CA CYS B 452 -12.67 -3.70 -33.36
C CYS B 452 -13.68 -4.17 -34.41
N TYR B 453 -14.77 -3.40 -34.56
CA TYR B 453 -15.84 -3.67 -35.52
C TYR B 453 -16.00 -2.48 -36.48
N SER B 454 -16.05 -2.74 -37.79
CA SER B 454 -16.41 -1.71 -38.79
C SER B 454 -17.95 -1.68 -38.91
N ILE B 455 -18.55 -0.52 -38.63
CA ILE B 455 -20.01 -0.37 -38.53
C ILE B 455 -20.43 0.86 -39.34
N GLU B 456 -21.48 0.70 -40.15
CA GLU B 456 -22.08 1.81 -40.89
C GLU B 456 -23.15 2.45 -40.01
N PRO B 457 -23.05 3.78 -39.76
CA PRO B 457 -24.02 4.50 -38.91
C PRO B 457 -25.48 4.32 -39.32
N LEU B 458 -25.75 4.22 -40.61
CA LEU B 458 -27.13 4.02 -41.07
C LEU B 458 -27.75 2.70 -40.62
N ASP B 459 -26.92 1.71 -40.26
CA ASP B 459 -27.39 0.46 -39.67
C ASP B 459 -27.78 0.56 -38.18
N LEU B 460 -27.53 1.68 -37.52
CA LEU B 460 -27.77 1.75 -36.06
C LEU B 460 -29.20 1.43 -35.56
N PRO B 461 -30.24 1.77 -36.34
CA PRO B 461 -31.59 1.38 -35.93
C PRO B 461 -31.83 -0.15 -35.84
N GLN B 462 -31.37 -0.87 -36.86
CA GLN B 462 -31.42 -2.33 -36.86
C GLN B 462 -30.59 -2.88 -35.71
N ILE B 463 -29.35 -2.41 -35.59
CA ILE B 463 -28.45 -2.86 -34.55
C ILE B 463 -29.08 -2.63 -33.17
N ILE B 464 -29.60 -1.43 -32.93
CA ILE B 464 -30.20 -1.13 -31.63
C ILE B 464 -31.44 -2.02 -31.35
N GLU B 465 -32.27 -2.21 -32.36
CA GLU B 465 -33.48 -2.99 -32.18
C GLU B 465 -33.12 -4.44 -31.86
N ARG B 466 -32.13 -5.00 -32.56
CA ARG B 466 -31.68 -6.38 -32.34
C ARG B 466 -31.09 -6.57 -30.94
N LEU B 467 -30.31 -5.61 -30.49
CA LEU B 467 -29.67 -5.71 -29.18
C LEU B 467 -30.54 -5.33 -28.00
N HIS B 468 -31.38 -4.32 -28.16
CA HIS B 468 -32.05 -3.67 -27.02
C HIS B 468 -33.56 -3.79 -26.99
N GLY B 469 -34.18 -4.09 -28.14
CA GLY B 469 -35.61 -4.09 -28.28
C GLY B 469 -36.06 -2.75 -28.82
N LEU B 470 -37.32 -2.66 -29.24
CA LEU B 470 -37.91 -1.38 -29.71
C LEU B 470 -38.06 -0.37 -28.59
N SER B 471 -38.24 -0.88 -27.36
CA SER B 471 -38.16 -0.15 -26.09
C SER B 471 -37.11 0.97 -26.02
N ALA B 472 -35.91 0.71 -26.54
CA ALA B 472 -34.79 1.65 -26.60
C ALA B 472 -35.15 2.97 -27.27
N PHE B 473 -36.15 2.95 -28.17
CA PHE B 473 -36.62 4.13 -28.88
C PHE B 473 -37.78 4.83 -28.21
N THR B 474 -38.28 4.28 -27.10
CA THR B 474 -39.45 4.84 -26.44
C THR B 474 -39.35 5.04 -24.92
N LEU B 475 -38.20 4.78 -24.32
CA LEU B 475 -38.05 4.94 -22.86
C LEU B 475 -38.29 6.37 -22.37
N HIS B 476 -39.03 6.47 -21.28
CA HIS B 476 -39.26 7.74 -20.61
C HIS B 476 -39.42 7.43 -19.12
N SER B 477 -39.72 8.46 -18.32
CA SER B 477 -39.84 8.30 -16.88
C SER B 477 -38.63 7.53 -16.34
N TYR B 478 -37.45 8.12 -16.59
CA TYR B 478 -36.18 7.62 -16.05
C TYR B 478 -36.15 7.85 -14.54
N SER B 479 -35.32 7.11 -13.81
CA SER B 479 -35.29 7.23 -12.35
C SER B 479 -34.72 8.56 -11.87
N PRO B 480 -35.14 9.02 -10.68
CA PRO B 480 -34.56 10.26 -10.14
C PRO B 480 -33.03 10.19 -10.04
N GLY B 481 -32.52 9.05 -9.55
CA GLY B 481 -31.06 8.82 -9.43
C GLY B 481 -30.30 9.05 -10.73
N GLU B 482 -30.81 8.45 -11.81
CA GLU B 482 -30.22 8.53 -13.15
C GLU B 482 -30.36 9.94 -13.71
N ILE B 483 -31.53 10.53 -13.56
CA ILE B 483 -31.69 11.92 -14.02
C ILE B 483 -30.72 12.83 -13.30
N ASN B 484 -30.58 12.65 -11.98
CA ASN B 484 -29.71 13.55 -11.20
C ASN B 484 -28.23 13.43 -11.61
N ARG B 485 -27.74 12.20 -11.62
CA ARG B 485 -26.37 11.93 -12.10
C ARG B 485 -26.11 12.55 -13.48
N VAL B 486 -27.05 12.34 -14.42
CA VAL B 486 -26.93 12.93 -15.76
C VAL B 486 -26.85 14.45 -15.71
N ALA B 487 -27.81 15.09 -15.02
CA ALA B 487 -27.84 16.53 -14.93
C ALA B 487 -26.56 17.07 -14.29
N SER B 488 -26.09 16.39 -13.25
CA SER B 488 -24.88 16.79 -12.59
C SER B 488 -23.71 16.80 -13.59
N CYS B 489 -23.53 15.68 -14.29
N CYS B 489 -23.55 15.70 -14.30
CA CYS B 489 -22.48 15.53 -15.33
CA CYS B 489 -22.45 15.54 -15.26
C CYS B 489 -22.52 16.62 -16.39
C CYS B 489 -22.52 16.52 -16.46
N LEU B 490 -23.73 16.87 -16.90
CA LEU B 490 -23.88 17.80 -18.00
C LEU B 490 -23.58 19.26 -17.58
N ARG B 491 -23.94 19.64 -16.35
CA ARG B 491 -23.58 20.98 -15.83
C ARG B 491 -22.06 21.12 -15.69
N LYS B 492 -21.43 20.10 -15.11
CA LYS B 492 -19.98 20.00 -14.98
C LYS B 492 -19.25 20.30 -16.32
N LEU B 493 -19.71 19.67 -17.40
CA LEU B 493 -19.03 19.73 -18.70
C LEU B 493 -19.44 20.91 -19.55
N GLY B 494 -20.53 21.58 -19.18
CA GLY B 494 -21.07 22.69 -19.92
C GLY B 494 -21.75 22.25 -21.18
N VAL B 495 -22.59 21.23 -21.05
CA VAL B 495 -23.29 20.65 -22.19
C VAL B 495 -24.53 21.50 -22.31
N PRO B 496 -24.89 21.95 -23.53
CA PRO B 496 -26.11 22.70 -23.71
C PRO B 496 -27.39 22.01 -23.13
N PRO B 497 -28.42 22.78 -22.74
CA PRO B 497 -29.66 22.21 -22.16
C PRO B 497 -30.57 21.41 -23.14
N LEU B 498 -31.61 20.77 -22.60
CA LEU B 498 -32.56 19.99 -23.43
C LEU B 498 -33.11 20.80 -24.63
N ARG B 499 -33.56 22.06 -24.40
CA ARG B 499 -34.03 22.98 -25.46
C ARG B 499 -33.23 22.77 -26.71
N THR B 500 -31.92 22.97 -26.55
CA THR B 500 -31.01 23.02 -27.66
C THR B 500 -30.89 21.63 -28.32
N TRP B 501 -30.67 20.60 -27.52
CA TRP B 501 -30.64 19.23 -28.10
C TRP B 501 -31.95 18.88 -28.85
N ARG B 502 -33.09 19.26 -28.29
CA ARG B 502 -34.39 18.95 -28.91
C ARG B 502 -34.49 19.65 -30.24
N HIS B 503 -34.17 20.93 -30.20
CA HIS B 503 -34.15 21.76 -31.38
C HIS B 503 -33.27 21.15 -32.47
N ARG B 504 -32.04 20.78 -32.11
CA ARG B 504 -31.12 20.08 -33.03
C ARG B 504 -31.61 18.69 -33.51
N ALA B 505 -32.25 17.93 -32.64
CA ALA B 505 -32.79 16.60 -32.99
C ALA B 505 -33.90 16.68 -34.07
N ARG B 506 -34.84 17.59 -33.88
CA ARG B 506 -35.90 17.86 -34.87
C ARG B 506 -35.36 18.21 -36.26
N SER B 507 -34.26 18.97 -36.33
CA SER B 507 -33.67 19.38 -37.62
C SER B 507 -33.03 18.22 -38.37
N VAL B 508 -32.24 17.43 -37.64
CA VAL B 508 -31.58 16.23 -38.19
C VAL B 508 -32.61 15.22 -38.69
N ARG B 509 -33.67 15.06 -37.91
CA ARG B 509 -34.76 14.14 -38.22
C ARG B 509 -35.36 14.46 -39.59
N ALA B 510 -35.81 15.70 -39.75
CA ALA B 510 -36.43 16.14 -40.99
C ALA B 510 -35.54 15.80 -42.18
N LYS B 511 -34.25 16.12 -42.07
CA LYS B 511 -33.32 15.96 -43.19
C LYS B 511 -33.03 14.48 -43.45
N LEU B 512 -33.04 13.68 -42.39
CA LEU B 512 -32.93 12.22 -42.51
C LEU B 512 -34.15 11.59 -43.19
N LEU B 513 -35.35 12.00 -42.80
CA LEU B 513 -36.58 11.51 -43.45
C LEU B 513 -36.53 11.73 -44.95
N SER B 514 -36.32 12.97 -45.35
CA SER B 514 -36.26 13.35 -46.75
C SER B 514 -35.08 12.78 -47.57
N GLN B 515 -34.20 12.00 -46.95
CA GLN B 515 -33.25 11.15 -47.68
C GLN B 515 -33.84 9.81 -48.13
N GLY B 516 -34.82 9.29 -47.40
CA GLY B 516 -35.35 7.93 -47.63
C GLY B 516 -34.36 6.81 -47.32
N GLY B 517 -34.79 5.57 -47.51
CA GLY B 517 -33.95 4.40 -47.26
C GLY B 517 -33.52 4.32 -45.81
N ARG B 518 -32.32 3.78 -45.58
CA ARG B 518 -31.77 3.63 -44.21
C ARG B 518 -31.72 4.97 -43.43
N ALA B 519 -31.54 6.08 -44.13
CA ALA B 519 -31.48 7.38 -43.48
C ALA B 519 -32.80 7.80 -42.83
N ALA B 520 -33.92 7.56 -43.51
CA ALA B 520 -35.25 7.92 -42.99
C ALA B 520 -35.64 7.11 -41.75
N THR B 521 -35.18 5.86 -41.70
CA THR B 521 -35.37 4.99 -40.54
C THR B 521 -34.64 5.56 -39.31
N CYS B 522 -33.40 6.01 -39.50
CA CYS B 522 -32.65 6.66 -38.42
C CYS B 522 -33.48 7.81 -37.84
N GLY B 523 -34.10 8.60 -38.73
CA GLY B 523 -34.92 9.73 -38.31
C GLY B 523 -36.16 9.38 -37.51
N ARG B 524 -36.92 8.41 -38.00
CA ARG B 524 -38.18 8.03 -37.36
C ARG B 524 -37.93 7.39 -35.99
N TYR B 525 -36.95 6.49 -35.92
CA TYR B 525 -36.67 5.67 -34.72
C TYR B 525 -35.78 6.36 -33.68
N LEU B 526 -34.60 6.81 -34.10
CA LEU B 526 -33.63 7.38 -33.15
C LEU B 526 -34.10 8.67 -32.50
N PHE B 527 -34.87 9.47 -33.24
CA PHE B 527 -35.24 10.82 -32.78
C PHE B 527 -36.74 11.01 -32.57
N ASN B 528 -37.43 9.93 -32.25
CA ASN B 528 -38.86 9.98 -31.99
C ASN B 528 -39.15 10.67 -30.65
N TRP B 529 -38.19 10.58 -29.72
CA TRP B 529 -38.29 11.33 -28.43
C TRP B 529 -38.43 12.87 -28.58
N ALA B 530 -37.96 13.40 -29.71
CA ALA B 530 -37.81 14.85 -29.93
C ALA B 530 -39.06 15.52 -30.49
N VAL B 531 -39.97 14.71 -31.07
CA VAL B 531 -41.19 15.24 -31.69
C VAL B 531 -42.40 15.13 -30.77
N ARG B 532 -43.32 16.06 -30.98
CA ARG B 532 -44.61 16.16 -30.28
C ARG B 532 -45.47 14.93 -30.45
N THR B 533 -45.90 14.72 -31.69
CA THR B 533 -46.82 13.65 -32.03
C THR B 533 -45.96 12.45 -32.32
N LYS B 534 -45.59 11.77 -31.24
CA LYS B 534 -44.68 10.63 -31.31
C LYS B 534 -45.31 9.56 -32.20
N LEU B 535 -44.56 9.10 -33.20
CA LEU B 535 -45.01 8.03 -34.09
C LEU B 535 -44.94 6.69 -33.37
N LYS B 536 -45.99 5.87 -33.48
CA LYS B 536 -45.99 4.51 -32.90
C LYS B 536 -45.04 3.65 -33.74
N LEU B 537 -43.96 3.16 -33.12
CA LEU B 537 -42.88 2.48 -33.82
C LEU B 537 -43.06 0.96 -33.84
N THR B 538 -42.84 0.35 -35.01
CA THR B 538 -43.05 -1.09 -35.20
C THR B 538 -41.71 -1.70 -35.58
N PRO B 539 -41.64 -3.05 -35.65
CA PRO B 539 -40.33 -3.65 -35.94
C PRO B 539 -39.79 -3.42 -37.36
N ILE B 540 -38.49 -3.18 -37.47
CA ILE B 540 -37.84 -2.94 -38.76
C ILE B 540 -37.66 -4.28 -39.48
N PRO B 541 -38.20 -4.40 -40.72
CA PRO B 541 -38.08 -5.65 -41.50
C PRO B 541 -36.66 -6.23 -41.65
N ALA B 542 -35.71 -5.40 -42.09
CA ALA B 542 -34.35 -5.87 -42.40
C ALA B 542 -33.45 -6.22 -41.18
N ALA B 543 -33.94 -6.00 -39.96
CA ALA B 543 -33.22 -6.44 -38.75
C ALA B 543 -33.26 -7.97 -38.57
N SER B 544 -32.44 -8.67 -39.35
CA SER B 544 -32.37 -10.14 -39.35
C SER B 544 -30.95 -10.57 -39.65
N ASP B 547 -25.66 -9.99 -39.69
CA ASP B 547 -25.03 -11.09 -38.95
C ASP B 547 -24.34 -10.63 -37.66
N LEU B 548 -25.08 -10.67 -36.56
CA LEU B 548 -24.56 -10.34 -35.22
C LEU B 548 -24.07 -11.59 -34.46
N SER B 549 -23.58 -12.57 -35.21
CA SER B 549 -23.37 -13.92 -34.71
C SER B 549 -22.24 -14.04 -33.70
N GLY B 550 -21.17 -13.28 -33.93
CA GLY B 550 -20.02 -13.28 -33.03
C GLY B 550 -19.92 -12.09 -32.10
N TRP B 551 -21.03 -11.37 -31.89
CA TRP B 551 -20.94 -10.04 -31.25
C TRP B 551 -20.62 -9.98 -29.75
N PHE B 552 -21.32 -10.79 -28.97
CA PHE B 552 -21.14 -10.78 -27.53
C PHE B 552 -20.91 -12.23 -27.12
N VAL B 553 -19.74 -12.71 -27.51
CA VAL B 553 -19.32 -14.07 -27.23
C VAL B 553 -18.15 -14.02 -26.24
N ALA B 554 -17.17 -13.17 -26.52
CA ALA B 554 -15.98 -13.13 -25.72
C ALA B 554 -15.34 -11.74 -25.74
N GLY B 555 -14.53 -11.48 -24.70
CA GLY B 555 -13.73 -10.28 -24.57
C GLY B 555 -12.32 -10.47 -25.14
N TYR B 556 -11.77 -9.38 -25.65
CA TYR B 556 -10.47 -9.40 -26.32
C TYR B 556 -9.66 -8.14 -26.07
N SER B 557 -9.86 -7.49 -24.91
CA SER B 557 -9.10 -6.27 -24.58
C SER B 557 -7.60 -6.55 -24.69
N GLY B 558 -6.93 -5.74 -25.53
CA GLY B 558 -5.50 -5.84 -25.80
C GLY B 558 -5.11 -6.92 -26.79
N GLY B 559 -6.10 -7.65 -27.28
CA GLY B 559 -5.87 -8.89 -28.03
C GLY B 559 -5.75 -8.71 -29.53
N ASP B 560 -5.79 -7.47 -30.02
CA ASP B 560 -5.52 -7.17 -31.43
C ASP B 560 -6.51 -7.89 -32.38
N ILE B 561 -7.82 -7.82 -32.06
CA ILE B 561 -8.89 -8.50 -32.84
C ILE B 561 -9.76 -7.55 -33.65
N TYR B 562 -9.99 -7.93 -34.91
CA TYR B 562 -10.82 -7.20 -35.86
C TYR B 562 -11.88 -8.10 -36.51
N HIS B 563 -13.07 -7.54 -36.75
CA HIS B 563 -14.19 -8.26 -37.37
C HIS B 563 -14.87 -7.46 -38.47
C1 55W C . 20.69 29.60 15.65
C2 55W C . 19.56 29.85 16.43
C3 55W C . 21.95 29.66 16.20
C4 55W C . 19.70 30.18 17.75
C5 55W C . 22.07 29.99 17.53
C6 55W C . 20.96 30.25 18.32
C8 55W C . 24.45 29.36 17.85
C12 55W C . 26.79 29.19 18.83
O14 55W C . 27.25 28.43 18.04
C15 55W C . 18.21 29.85 15.85
C16 55W C . 17.87 29.87 14.53
C17 55W C . 16.51 29.97 14.53
C21 55W C . 14.28 30.13 13.83
C23 55W C . 14.83 30.13 16.13
O28 55W C . 25.33 32.44 23.17
O28 55W C . 23.42 33.14 21.41
O29 55W C . 23.66 33.11 21.31
O29 55W C . 25.31 32.46 22.98
C30 55W C . 24.78 32.41 24.49
C30 55W C . 23.85 33.91 20.27
C31 55W C . 21.71 28.70 23.59
C32 55W C . 21.17 29.85 23.02
C33 55W C . 23.09 28.55 23.62
C34 55W C . 22.00 30.85 22.51
C35 55W C . 23.95 29.56 23.11
C36 55W C . 23.40 30.72 22.53
C37 55W C . 25.44 29.29 23.22
C38 55W C . 20.82 27.61 24.14
P27 55W C . 24.50 32.06 21.87
N26 55W C . 25.31 31.31 20.67
C10 55W C . 24.82 30.65 19.55
C9 55W C . 25.42 29.72 18.75
O13 55W C . 27.49 29.51 19.92
N11 55W C . 23.55 30.81 19.18
N7 55W C . 23.36 30.07 18.19
N19 55W C . 17.09 30.00 16.58
N18 55W C . 16.12 30.05 15.79
N24 55W C . 14.51 30.19 17.47
C22 55W C . 13.89 30.18 15.15
C25 55W C . 13.23 30.18 12.75
N20 55W C . 15.61 30.00 13.49
C1 GOL D . -7.29 0.82 31.93
O1 GOL D . -5.98 0.21 31.89
C2 GOL D . -7.56 1.65 33.22
O2 GOL D . -7.57 0.83 34.41
C3 GOL D . -8.87 2.45 33.14
O3 GOL D . -10.05 1.64 32.98
C1 GOL E . 7.44 36.53 25.65
O1 GOL E . 6.84 36.39 26.94
C2 GOL E . 6.38 36.77 24.59
O2 GOL E . 6.88 36.37 23.33
C3 GOL E . 5.10 36.01 24.81
O3 GOL E . 4.46 35.76 23.54
O1 MES F . 19.30 39.74 13.66
C2 MES F . 19.87 40.69 14.55
C3 MES F . 20.57 39.97 15.70
N4 MES F . 19.62 39.14 16.47
C5 MES F . 18.98 38.17 15.54
C6 MES F . 18.36 38.87 14.33
C7 MES F . 20.30 38.44 17.60
C8 MES F . 19.30 37.80 18.58
S MES F . 19.89 37.72 20.14
O1S MES F . 20.20 39.06 20.70
O2S MES F . 21.17 36.93 20.20
O3S MES F . 18.80 37.18 21.00
C1 PEG G . 3.77 -17.73 41.94
O1 PEG G . 3.07 -18.59 42.84
C2 PEG G . 5.06 -17.24 42.57
O2 PEG G . 6.13 -17.59 41.68
C3 PEG G . 7.40 -17.62 42.30
C4 PEG G . 8.38 -17.02 41.29
O4 PEG G . 9.08 -15.91 41.86
C1 PEG H . 7.30 -27.39 36.33
O1 PEG H . 6.70 -27.45 37.62
C2 PEG H . 8.57 -26.54 36.43
O2 PEG H . 9.62 -27.27 37.08
C3 PEG H . 9.84 -26.79 38.41
C4 PEG H . 10.44 -27.87 39.26
O4 PEG H . 10.21 -27.65 40.67
C1 PEG I . 33.30 18.12 30.20
O1 PEG I . 32.51 17.52 29.18
C2 PEG I . 32.44 18.36 31.44
O2 PEG I . 32.80 17.46 32.49
C3 PEG I . 32.72 17.96 33.83
C4 PEG I . 32.11 16.90 34.75
O4 PEG I . 31.28 17.42 35.81
C1 PEG J . 2.87 -2.50 25.27
O1 PEG J . 4.08 -2.54 24.49
C2 PEG J . 3.09 -3.18 26.64
O2 PEG J . 1.95 -3.25 27.51
C3 PEG J . 1.03 -2.18 27.29
C4 PEG J . 0.04 -2.19 28.41
O4 PEG J . 0.06 -0.95 29.16
S SO4 K . 13.60 22.49 47.40
O1 SO4 K . 13.72 21.10 46.91
O2 SO4 K . 14.72 23.28 46.84
O3 SO4 K . 13.70 22.48 48.89
O4 SO4 K . 12.29 23.01 46.96
S SO4 L . 20.62 42.62 25.26
O1 SO4 L . 21.76 42.95 24.39
O2 SO4 L . 20.12 41.26 24.94
O3 SO4 L . 19.54 43.61 25.00
O4 SO4 L . 20.99 42.69 26.70
S SO4 M . -7.26 -6.92 49.18
O1 SO4 M . -8.11 -8.06 49.59
O2 SO4 M . -5.82 -7.34 49.19
O3 SO4 M . -7.43 -5.81 50.14
O4 SO4 M . -7.65 -6.46 47.84
S SO4 N . 9.66 0.31 9.93
O1 SO4 N . 10.91 -0.14 9.26
O2 SO4 N . 9.40 -0.35 11.25
O3 SO4 N . 8.53 0.11 9.00
O4 SO4 N . 9.78 1.75 10.25
S SO4 O . -16.53 -9.99 39.06
O1 SO4 O . -15.63 -10.11 37.90
O2 SO4 O . -16.74 -11.32 39.69
O3 SO4 O . -17.80 -9.42 38.54
O4 SO4 O . -15.96 -9.12 40.11
S SO4 P . 15.12 41.09 29.16
O1 SO4 P . 14.84 40.24 27.97
O2 SO4 P . 16.46 41.68 29.02
O3 SO4 P . 14.11 42.18 29.27
O4 SO4 P . 15.13 40.27 30.39
S SO4 Q . 13.89 43.56 22.65
O1 SO4 Q . 13.80 42.23 22.03
O2 SO4 Q . 15.30 43.96 22.68
O3 SO4 Q . 13.16 44.55 21.85
O4 SO4 Q . 13.29 43.60 24.00
S SO4 R . 13.48 -2.40 19.92
O1 SO4 R . 14.07 -2.88 18.66
O2 SO4 R . 14.45 -2.02 21.01
O3 SO4 R . 12.64 -1.23 19.52
O4 SO4 R . 12.57 -3.43 20.47
S SO4 S . -0.50 26.48 10.02
O1 SO4 S . 0.23 25.47 9.23
O2 SO4 S . 0.31 27.74 10.09
O3 SO4 S . -0.75 25.94 11.36
O4 SO4 S . -1.81 26.81 9.42
S SO4 T . 25.17 -23.22 40.81
O1 SO4 T . 26.11 -23.67 41.85
O2 SO4 T . 25.59 -23.81 39.53
O3 SO4 T . 25.27 -21.74 40.69
O4 SO4 T . 23.79 -23.65 41.13
C1 55W U . -32.82 15.85 -17.36
C2 55W U . -32.33 16.44 -18.52
C3 55W U . -33.94 15.04 -17.44
C4 55W U . -32.98 16.28 -19.73
C5 55W U . -34.57 14.87 -18.66
C6 55W U . -34.10 15.48 -19.80
C8 55W U . -36.16 13.03 -18.06
C12 55W U . -38.09 11.37 -18.22
O14 55W U . -37.93 10.81 -17.17
C15 55W U . -31.17 17.35 -18.54
C16 55W U . -30.60 17.99 -17.48
C17 55W U . -29.63 18.76 -18.05
C21 55W U . -27.83 20.26 -18.36
C23 55W U . -28.85 19.19 -20.22
O28 55W U . -39.71 13.02 -23.18
O28 55W U . -38.51 15.30 -22.54
O29 55W U . -38.66 15.20 -22.27
O29 55W U . -39.76 13.14 -22.94
C30 55W U . -39.59 13.16 -24.60
C30 55W U . -38.66 16.13 -21.36
C31 55W U . -34.81 12.14 -24.35
C32 55W U . -35.00 13.51 -24.22
C33 55W U . -35.76 11.26 -23.84
C34 55W U . -36.14 13.99 -23.57
C35 55W U . -36.91 11.72 -23.20
C36 55W U . -37.12 13.11 -23.06
C37 55W U . -37.88 10.64 -22.70
C38 55W U . -33.57 11.60 -25.04
P27 55W U . -38.64 13.74 -22.25
N26 55W U . -38.52 13.18 -20.71
C10 55W U . -37.51 13.29 -19.74
C9 55W U . -37.30 12.53 -18.64
O13 55W U . -38.95 10.91 -19.16
N11 55W U . -36.51 14.18 -19.83
N7 55W U . -35.76 14.04 -18.83
N19 55W U . -30.59 17.76 -19.68
N18 55W U . -29.67 18.58 -19.37
N24 55W U . -28.94 18.93 -21.61
C22 55W U . -27.90 20.06 -19.72
C25 55W U . -26.81 21.22 -17.84
N20 55W U . -28.70 19.61 -17.48
C1 GOL V . -41.08 -6.42 -11.74
O1 GOL V . -40.03 -5.73 -11.05
C2 GOL V . -41.52 -5.58 -12.92
O2 GOL V . -40.37 -4.93 -13.48
C3 GOL V . -42.21 -6.43 -13.99
O3 GOL V . -43.28 -5.72 -14.63
C1 GOL W . -1.50 -4.42 -29.32
O1 GOL W . -2.03 -3.98 -28.06
C2 GOL W . -1.39 -3.23 -30.26
O2 GOL W . -0.44 -2.27 -29.82
C3 GOL W . -0.94 -3.64 -31.63
O3 GOL W . -1.41 -2.67 -32.58
C1 GOL X . 2.13 16.56 -18.20
O1 GOL X . 3.20 16.56 -17.25
C2 GOL X . 1.96 17.97 -18.72
O2 GOL X . 1.37 18.77 -17.70
C3 GOL X . 1.06 17.97 -19.93
O3 GOL X . 1.44 19.05 -20.79
C1 GOL Y . -9.05 -0.54 -22.80
O1 GOL Y . -8.03 0.44 -22.57
C2 GOL Y . -8.58 -1.53 -23.88
O2 GOL Y . -9.59 -2.51 -24.15
C3 GOL Y . -8.26 -0.78 -25.16
O3 GOL Y . -8.31 -1.67 -26.28
C1 GOL Z . -36.72 23.17 -34.29
O1 GOL Z . -35.88 22.45 -35.23
C2 GOL Z . -38.24 23.01 -34.49
O2 GOL Z . -38.72 23.71 -35.64
C3 GOL Z . -38.94 23.58 -33.27
O3 GOL Z . -40.33 23.80 -33.51
C1 PEG AA . -26.86 26.66 -26.92
O1 PEG AA . -27.80 26.81 -28.00
C2 PEG AA . -27.55 26.43 -25.58
O2 PEG AA . -26.88 27.12 -24.52
C3 PEG AA . -27.67 27.39 -23.36
C4 PEG AA . -26.77 27.24 -22.13
O4 PEG AA . -27.41 27.61 -20.91
C1 PEG BA . -38.59 -5.64 -31.26
O1 PEG BA . -37.79 -6.41 -32.17
C2 PEG BA . -38.55 -6.23 -29.86
O2 PEG BA . -39.12 -5.31 -28.92
C3 PEG BA . -38.93 -5.78 -27.58
C4 PEG BA . -39.80 -4.96 -26.63
O4 PEG BA . -39.20 -3.69 -26.37
S SO4 CA . -9.35 -7.08 -19.30
O1 SO4 CA . -8.25 -7.48 -20.20
O2 SO4 CA . -9.15 -7.44 -17.88
O3 SO4 CA . -9.37 -5.58 -19.32
O4 SO4 CA . -10.61 -7.66 -19.91
S SO4 DA . -29.52 3.11 -48.38
O1 SO4 DA . -29.63 1.67 -48.04
O2 SO4 DA . -28.17 3.60 -47.95
O3 SO4 DA . -30.59 3.90 -47.72
O4 SO4 DA . -29.65 3.22 -49.84
S SO4 EA . -31.58 21.87 -18.33
O1 SO4 EA . -31.62 21.02 -19.55
O2 SO4 EA . -30.21 22.33 -18.05
O3 SO4 EA . -32.45 23.06 -18.55
O4 SO4 EA . -32.03 21.09 -17.14
#